data_9K1I
#
_entry.id   9K1I
#
loop_
_entity.id
_entity.type
_entity.pdbx_description
1 polymer 'Sodium- and chloride-dependent taurine transporter'
2 polymer 'Fragment antigen binding heavy chain'
3 polymer 'Fragment antigen binding light chain'
4 non-polymer '2H-IMIDAZOL-4-YLACETIC ACID'
5 non-polymer 'CHLORIDE ION'
6 water water
#
loop_
_entity_poly.entity_id
_entity_poly.type
_entity_poly.pdbx_seq_one_letter_code
_entity_poly.pdbx_strand_id
1 'polypeptide(L)'
;MATKEKLQCLKDFHKDILKPSPGKSPGTRPEDEAEGKPPQREKWSSKIDFVLSVAGGFVGLGNVWRFPYLCYKNGGGAFL
IPYFIFLFGSGLPVFFLEIIIGQYTSEGGITCWEKICPLFSGIGYASVVIVSLLNVYYIVILAWATYYLFQSFQKELPWA
HCNHSWNTPHCMEDTMRKNKSVWITISSTNFTSPVIEFWERNVLSLSPGIDHPGSLKWDLALCLLLVWLVCFFCIWKGVR
STGKVVYFTATFPFAMLLVLLVRGLTLPGAGAGIKFYLYPDITRLEDPQVWIDAGTQIFFSYAICLGAMTSLGSYNKYHN
NVYRDCMLLGCLNSGTSFVSGFAIFSILGFMAQEQGVDIADVAESGPGLAFIAYPKAVTMMPLPTFWSILFFIMLLLLGL
DSQFVEVEGQITSLVDLYPSFLRKGYRREIFIAFVCSISYLLGLTMVTEGGMYVFQLFDYYAASGVCLLWVAFFECFVIA
WIYGGNRFSEDIRDMIGFPPGPWMKYSWAVITPVLCVGCFIFSLVKYVPLTYNKTYVYPNWAIGLGWSLALSSMLCVPLV
IVIRLCQTEGPFLVRVKYLLTPREPNRWAVEREGATPYNSRTVMNGALVKPTHIIVETMMGSDEVDAGSHHHHHHHHHHG
SVEDYKDDDDK
;
A
2 'polypeptide(L)'
;EVQLVESGGGLVKPGGSLKLSCAASGFTFSSYAMSWVRQSPEKRLEWVAEISSGGRYIYYSDTVTGRFTISRDNARNILH
LEMSSLRSEDTAMYYCARGEVRQRGFDYWGQGTTLTVS
;
H
3 'polypeptide(L)'
;ENVLTQSPAIMSTSPGEKVTMTCRASSSVGSSYLHWYQQKSGASPKLWIYSTSNLASGVPARFSGSGSGTSYSLTISSVE
AEDAATYYCQQFSGYPLTFGSGTKLEMGSDEVDAGSHHHHHHHHHHGSVEDYKDDDDK
;
L
#
# COMPACT_ATOMS: atom_id res chain seq x y z
N LYS A 47 5.66 -6.54 13.77
CA LYS A 47 5.34 -7.95 13.98
C LYS A 47 5.94 -8.80 12.86
N ILE A 48 6.71 -9.83 13.25
CA ILE A 48 7.41 -10.65 12.28
C ILE A 48 6.42 -11.40 11.39
N ASP A 49 5.37 -11.96 12.00
CA ASP A 49 4.39 -12.72 11.23
C ASP A 49 3.62 -11.83 10.26
N PHE A 50 3.29 -10.61 10.68
CA PHE A 50 2.54 -9.69 9.82
C PHE A 50 3.31 -9.36 8.55
N VAL A 51 4.64 -9.33 8.62
CA VAL A 51 5.44 -9.19 7.41
C VAL A 51 5.50 -10.51 6.67
N LEU A 52 5.93 -11.57 7.35
CA LEU A 52 6.21 -12.85 6.69
C LEU A 52 5.01 -13.35 5.89
N SER A 53 3.80 -13.04 6.34
CA SER A 53 2.61 -13.55 5.65
C SER A 53 2.41 -12.96 4.26
N VAL A 54 2.82 -11.71 4.03
CA VAL A 54 2.38 -11.00 2.83
C VAL A 54 3.54 -10.40 2.05
N ALA A 55 4.71 -10.27 2.70
CA ALA A 55 5.86 -9.68 2.04
C ALA A 55 6.29 -10.50 0.83
N GLY A 56 6.38 -11.82 0.99
CA GLY A 56 6.82 -12.66 -0.11
C GLY A 56 5.84 -12.75 -1.26
N GLY A 57 4.59 -12.35 -1.06
CA GLY A 57 3.62 -12.34 -2.14
C GLY A 57 3.46 -10.98 -2.77
N PHE A 58 3.76 -9.92 -2.01
CA PHE A 58 3.68 -8.58 -2.57
C PHE A 58 4.85 -8.32 -3.53
N VAL A 59 6.05 -8.74 -3.16
CA VAL A 59 7.15 -8.73 -4.11
C VAL A 59 6.87 -9.74 -5.20
N GLY A 60 7.08 -9.34 -6.44
CA GLY A 60 6.81 -10.20 -7.57
C GLY A 60 7.82 -9.98 -8.67
N LEU A 61 7.43 -10.38 -9.88
CA LEU A 61 8.35 -10.29 -11.01
C LEU A 61 8.65 -8.86 -11.40
N GLY A 62 7.86 -7.90 -10.93
CA GLY A 62 8.18 -6.51 -11.21
C GLY A 62 9.57 -6.14 -10.72
N ASN A 63 9.86 -6.42 -9.45
CA ASN A 63 11.12 -5.99 -8.85
C ASN A 63 12.31 -6.71 -9.48
N VAL A 64 12.14 -8.01 -9.76
CA VAL A 64 13.26 -8.80 -10.25
C VAL A 64 13.49 -8.58 -11.74
N TRP A 65 12.44 -8.31 -12.50
CA TRP A 65 12.52 -8.33 -13.96
C TRP A 65 12.28 -6.98 -14.62
N ARG A 66 11.22 -6.25 -14.26
CA ARG A 66 10.89 -5.04 -15.00
C ARG A 66 11.80 -3.89 -14.64
N PHE A 67 12.01 -3.67 -13.34
CA PHE A 67 12.88 -2.58 -12.88
C PHE A 67 14.30 -2.67 -13.44
N PRO A 68 14.98 -3.82 -13.42
CA PRO A 68 16.31 -3.85 -14.07
C PRO A 68 16.27 -3.49 -15.54
N TYR A 69 15.27 -3.99 -16.28
CA TYR A 69 15.25 -3.74 -17.73
C TYR A 69 14.91 -2.29 -18.02
N LEU A 70 13.98 -1.70 -17.26
CA LEU A 70 13.66 -0.29 -17.46
C LEU A 70 14.82 0.61 -17.07
N CYS A 71 15.50 0.28 -15.96
CA CYS A 71 16.66 1.06 -15.55
C CYS A 71 17.78 0.98 -16.60
N TYR A 72 18.04 -0.22 -17.12
CA TYR A 72 19.05 -0.39 -18.16
C TYR A 72 18.66 0.35 -19.44
N LYS A 73 17.36 0.32 -19.78
CA LYS A 73 16.90 0.98 -20.99
C LYS A 73 17.14 2.48 -20.94
N ASN A 74 16.98 3.09 -19.77
CA ASN A 74 17.15 4.53 -19.60
C ASN A 74 18.56 4.92 -19.21
N GLY A 75 19.52 4.01 -19.28
CA GLY A 75 20.91 4.34 -19.01
C GLY A 75 21.33 4.31 -17.56
N GLY A 76 20.65 3.52 -16.72
CA GLY A 76 21.12 3.28 -15.37
C GLY A 76 20.83 4.37 -14.36
N GLY A 77 21.87 5.13 -13.99
CA GLY A 77 21.78 6.05 -12.86
C GLY A 77 20.75 7.15 -13.03
N ALA A 78 20.50 7.58 -14.26
CA ALA A 78 19.49 8.62 -14.48
C ALA A 78 18.09 8.15 -14.11
N PHE A 79 17.79 6.84 -14.14
CA PHE A 79 16.46 6.34 -13.79
C PHE A 79 16.12 6.56 -12.31
N LEU A 80 17.11 6.51 -11.43
CA LEU A 80 16.91 6.50 -9.98
C LEU A 80 16.44 7.85 -9.42
N ILE A 81 16.75 8.97 -10.05
CA ILE A 81 16.30 10.29 -9.60
C ILE A 81 14.76 10.40 -9.69
N PRO A 82 14.10 10.29 -10.85
CA PRO A 82 12.64 10.29 -10.93
C PRO A 82 12.01 9.09 -10.23
N TYR A 83 12.72 7.97 -10.04
CA TYR A 83 12.21 6.83 -9.30
C TYR A 83 11.99 7.19 -7.83
N PHE A 84 12.99 7.75 -7.15
CA PHE A 84 12.84 8.14 -5.74
C PHE A 84 11.93 9.37 -5.56
N ILE A 85 11.90 10.30 -6.50
CA ILE A 85 10.92 11.41 -6.50
C ILE A 85 9.49 10.89 -6.55
N PHE A 86 9.17 9.95 -7.43
CA PHE A 86 7.84 9.31 -7.46
C PHE A 86 7.57 8.42 -6.26
N LEU A 87 8.54 7.70 -5.70
CA LEU A 87 8.34 6.83 -4.54
C LEU A 87 7.81 7.61 -3.34
N PHE A 88 8.46 8.71 -2.98
CA PHE A 88 8.09 9.52 -1.82
C PHE A 88 7.07 10.61 -2.17
N GLY A 89 7.08 11.14 -3.38
CA GLY A 89 6.08 12.10 -3.83
C GLY A 89 4.69 11.50 -4.03
N SER A 90 4.61 10.28 -4.56
CA SER A 90 3.34 9.65 -4.98
C SER A 90 3.16 8.19 -4.53
N GLY A 91 4.18 7.34 -4.63
CA GLY A 91 4.03 5.89 -4.55
C GLY A 91 3.47 5.41 -3.22
N LEU A 92 4.16 5.71 -2.13
CA LEU A 92 3.74 5.33 -0.78
C LEU A 92 2.40 6.01 -0.39
N PRO A 93 2.19 7.31 -0.62
CA PRO A 93 0.89 7.95 -0.45
C PRO A 93 -0.29 7.34 -1.24
N VAL A 94 -0.13 6.99 -2.51
CA VAL A 94 -1.20 6.37 -3.31
C VAL A 94 -1.45 4.93 -2.89
N PHE A 95 -0.40 4.19 -2.49
CA PHE A 95 -0.55 2.87 -1.88
C PHE A 95 -1.33 2.91 -0.56
N PHE A 96 -1.02 3.82 0.35
CA PHE A 96 -1.79 4.02 1.57
C PHE A 96 -3.24 4.40 1.25
N LEU A 97 -3.46 5.34 0.32
CA LEU A 97 -4.79 5.75 -0.13
C LEU A 97 -5.62 4.55 -0.58
N GLU A 98 -5.16 3.70 -1.49
CA GLU A 98 -5.96 2.57 -1.97
C GLU A 98 -6.32 1.54 -0.91
N ILE A 99 -5.41 1.19 0.00
CA ILE A 99 -5.76 0.26 1.08
C ILE A 99 -6.81 0.89 2.01
N ILE A 100 -6.70 2.20 2.24
CA ILE A 100 -7.70 2.88 3.07
C ILE A 100 -9.07 2.83 2.42
N ILE A 101 -9.14 3.05 1.11
CA ILE A 101 -10.42 2.92 0.41
C ILE A 101 -10.97 1.52 0.58
N GLY A 102 -10.11 0.51 0.43
CA GLY A 102 -10.54 -0.87 0.55
C GLY A 102 -11.16 -1.15 1.91
N GLN A 103 -10.48 -0.75 2.98
CA GLN A 103 -11.02 -0.95 4.31
C GLN A 103 -12.27 -0.12 4.56
N TYR A 104 -12.28 1.13 4.08
CA TYR A 104 -13.37 2.05 4.37
C TYR A 104 -14.67 1.60 3.72
N THR A 105 -14.61 1.17 2.47
CA THR A 105 -15.81 0.79 1.74
C THR A 105 -16.15 -0.68 1.86
N SER A 106 -15.15 -1.56 1.91
CA SER A 106 -15.35 -3.01 1.93
C SER A 106 -16.21 -3.46 0.74
N GLU A 107 -16.09 -2.74 -0.37
CA GLU A 107 -16.91 -2.98 -1.56
C GLU A 107 -16.09 -3.47 -2.75
N GLY A 108 -14.82 -3.79 -2.56
CA GLY A 108 -13.99 -4.24 -3.65
C GLY A 108 -13.41 -3.10 -4.47
N GLY A 109 -12.78 -3.47 -5.59
CA GLY A 109 -12.08 -2.50 -6.41
C GLY A 109 -12.98 -1.63 -7.27
N ILE A 110 -14.22 -2.06 -7.51
CA ILE A 110 -15.14 -1.35 -8.40
C ILE A 110 -16.22 -0.61 -7.63
N THR A 111 -16.95 -1.33 -6.77
CA THR A 111 -18.09 -0.76 -6.07
C THR A 111 -17.68 0.24 -4.99
N CYS A 112 -16.39 0.32 -4.66
CA CYS A 112 -15.94 1.19 -3.58
C CYS A 112 -16.24 2.66 -3.86
N TRP A 113 -16.17 3.08 -5.13
CA TRP A 113 -16.33 4.50 -5.45
C TRP A 113 -17.76 4.99 -5.27
N GLU A 114 -18.75 4.08 -5.20
CA GLU A 114 -20.11 4.50 -4.95
C GLU A 114 -20.25 5.16 -3.58
N LYS A 115 -19.47 4.73 -2.59
CA LYS A 115 -19.50 5.31 -1.26
C LYS A 115 -18.60 6.54 -1.12
N ILE A 116 -17.94 6.97 -2.19
CA ILE A 116 -17.04 8.12 -2.15
C ILE A 116 -17.49 9.15 -3.18
N CYS A 117 -17.61 8.74 -4.43
CA CYS A 117 -17.99 9.64 -5.51
C CYS A 117 -18.61 8.84 -6.64
N PRO A 118 -19.94 8.73 -6.69
CA PRO A 118 -20.59 7.95 -7.75
C PRO A 118 -20.21 8.36 -9.17
N LEU A 119 -19.94 9.65 -9.40
CA LEU A 119 -19.56 10.10 -10.75
C LEU A 119 -18.32 9.39 -11.27
N PHE A 120 -17.29 9.24 -10.43
CA PHE A 120 -16.02 8.67 -10.84
C PHE A 120 -15.96 7.16 -10.62
N SER A 121 -17.09 6.46 -10.67
CA SER A 121 -17.09 5.00 -10.58
C SER A 121 -16.29 4.35 -11.70
N GLY A 122 -16.03 5.08 -12.79
CA GLY A 122 -15.25 4.54 -13.89
C GLY A 122 -13.84 4.18 -13.52
N ILE A 123 -13.33 4.67 -12.39
CA ILE A 123 -12.00 4.29 -11.93
C ILE A 123 -11.95 2.79 -11.64
N GLY A 124 -13.03 2.24 -11.10
CA GLY A 124 -13.06 0.81 -10.84
C GLY A 124 -13.01 -0.02 -12.11
N TYR A 125 -13.78 0.39 -13.13
CA TYR A 125 -13.74 -0.32 -14.41
C TYR A 125 -12.39 -0.17 -15.09
N ALA A 126 -11.80 1.02 -15.02
CA ALA A 126 -10.46 1.22 -15.56
C ALA A 126 -9.45 0.31 -14.87
N SER A 127 -9.53 0.20 -13.55
CA SER A 127 -8.64 -0.69 -12.82
C SER A 127 -8.88 -2.15 -13.19
N VAL A 128 -10.13 -2.56 -13.32
CA VAL A 128 -10.43 -3.95 -13.62
C VAL A 128 -9.98 -4.31 -15.04
N VAL A 129 -10.06 -3.36 -15.98
CA VAL A 129 -9.58 -3.67 -17.33
C VAL A 129 -8.05 -3.60 -17.38
N ILE A 130 -7.42 -2.77 -16.54
CA ILE A 130 -5.96 -2.83 -16.39
C ILE A 130 -5.54 -4.20 -15.89
N VAL A 131 -6.25 -4.73 -14.89
CA VAL A 131 -5.96 -6.07 -14.40
C VAL A 131 -6.19 -7.12 -15.49
N SER A 132 -7.28 -6.97 -16.25
CA SER A 132 -7.56 -7.93 -17.32
C SER A 132 -6.47 -7.93 -18.39
N LEU A 133 -5.93 -6.76 -18.73
CA LEU A 133 -4.84 -6.69 -19.69
C LEU A 133 -3.53 -7.19 -19.10
N LEU A 134 -3.27 -6.87 -17.83
CA LEU A 134 -2.05 -7.32 -17.17
C LEU A 134 -2.01 -8.85 -17.10
N ASN A 135 -3.13 -9.48 -16.76
CA ASN A 135 -3.15 -10.92 -16.58
C ASN A 135 -2.86 -11.67 -17.88
N VAL A 136 -3.15 -11.05 -19.02
CA VAL A 136 -2.89 -11.71 -20.30
C VAL A 136 -1.40 -11.76 -20.59
N TYR A 137 -0.70 -10.64 -20.39
CA TYR A 137 0.70 -10.53 -20.81
C TYR A 137 1.69 -10.93 -19.73
N TYR A 138 1.33 -10.79 -18.44
CA TYR A 138 2.26 -11.08 -17.36
C TYR A 138 2.62 -12.56 -17.30
N ILE A 139 1.69 -13.44 -17.70
CA ILE A 139 1.94 -14.88 -17.64
C ILE A 139 2.89 -15.35 -18.74
N VAL A 140 3.13 -14.52 -19.76
CA VAL A 140 4.09 -14.91 -20.80
C VAL A 140 5.50 -15.00 -20.20
N ILE A 141 5.79 -14.17 -19.19
CA ILE A 141 7.06 -14.29 -18.49
C ILE A 141 7.19 -15.64 -17.79
N LEU A 142 6.09 -16.12 -17.20
CA LEU A 142 6.10 -17.46 -16.60
C LEU A 142 6.22 -18.55 -17.66
N ALA A 143 5.64 -18.33 -18.84
CA ALA A 143 5.82 -19.30 -19.93
C ALA A 143 7.27 -19.39 -20.36
N TRP A 144 7.94 -18.24 -20.49
CA TRP A 144 9.37 -18.24 -20.82
C TRP A 144 10.17 -18.92 -19.71
N ALA A 145 9.84 -18.63 -18.45
CA ALA A 145 10.54 -19.26 -17.33
C ALA A 145 10.34 -20.78 -17.34
N THR A 146 9.13 -21.24 -17.68
CA THR A 146 8.86 -22.67 -17.75
C THR A 146 9.65 -23.33 -18.86
N TYR A 147 9.73 -22.68 -20.03
CA TYR A 147 10.55 -23.21 -21.11
C TYR A 147 12.01 -23.29 -20.70
N TYR A 148 12.51 -22.24 -20.05
CA TYR A 148 13.88 -22.24 -19.57
C TYR A 148 14.11 -23.36 -18.53
N LEU A 149 13.13 -23.58 -17.65
CA LEU A 149 13.28 -24.61 -16.64
C LEU A 149 13.36 -26.00 -17.27
N PHE A 150 12.50 -26.29 -18.25
CA PHE A 150 12.62 -27.57 -18.94
C PHE A 150 13.90 -27.66 -19.76
N GLN A 151 14.41 -26.54 -20.26
CA GLN A 151 15.70 -26.58 -20.95
C GLN A 151 16.85 -26.74 -19.99
N SER A 152 16.65 -26.48 -18.70
CA SER A 152 17.73 -26.62 -17.73
C SER A 152 18.07 -28.08 -17.45
N PHE A 153 17.18 -29.02 -17.78
CA PHE A 153 17.41 -30.43 -17.48
C PHE A 153 18.39 -31.07 -18.44
N GLN A 154 19.62 -30.57 -18.48
CA GLN A 154 20.65 -31.10 -19.36
C GLN A 154 21.97 -31.17 -18.62
N LYS A 155 22.87 -32.02 -19.12
CA LYS A 155 24.20 -32.11 -18.55
C LYS A 155 24.97 -30.80 -18.75
N GLU A 156 24.74 -30.12 -19.86
CA GLU A 156 25.33 -28.81 -20.12
C GLU A 156 24.22 -27.87 -20.57
N LEU A 157 24.22 -26.66 -20.01
CA LEU A 157 23.18 -25.70 -20.34
C LEU A 157 23.31 -25.27 -21.80
N PRO A 158 22.19 -25.11 -22.51
CA PRO A 158 22.27 -24.78 -23.94
C PRO A 158 22.73 -23.36 -24.23
N TRP A 159 22.63 -22.44 -23.28
CA TRP A 159 23.11 -21.08 -23.49
C TRP A 159 24.57 -20.91 -23.11
N ALA A 160 25.22 -21.95 -22.58
CA ALA A 160 26.63 -21.86 -22.21
C ALA A 160 27.56 -21.96 -23.41
N HIS A 161 27.09 -22.49 -24.54
CA HIS A 161 27.90 -22.61 -25.73
C HIS A 161 27.00 -22.46 -26.95
N CYS A 162 27.62 -22.36 -28.12
CA CYS A 162 26.87 -22.23 -29.36
C CYS A 162 27.42 -23.17 -30.43
N ASN A 163 27.66 -24.43 -30.05
CA ASN A 163 27.86 -25.47 -31.04
C ASN A 163 26.53 -25.96 -31.59
N HIS A 164 25.42 -25.49 -31.02
CA HIS A 164 24.09 -26.00 -31.31
C HIS A 164 23.60 -25.50 -32.66
N SER A 165 22.51 -26.12 -33.13
CA SER A 165 22.03 -25.88 -34.49
C SER A 165 21.42 -24.50 -34.69
N TRP A 166 20.81 -23.91 -33.65
CA TRP A 166 20.10 -22.65 -33.83
C TRP A 166 21.02 -21.45 -33.93
N ASN A 167 22.32 -21.62 -33.68
CA ASN A 167 23.22 -20.49 -33.59
C ASN A 167 23.70 -20.04 -34.98
N THR A 168 23.81 -18.74 -35.15
CA THR A 168 24.33 -18.16 -36.38
C THR A 168 25.84 -18.39 -36.46
N PRO A 169 26.41 -18.30 -37.67
CA PRO A 169 27.89 -18.37 -37.78
C PRO A 169 28.59 -17.20 -37.13
N HIS A 170 27.88 -16.12 -36.78
CA HIS A 170 28.48 -14.98 -36.11
C HIS A 170 28.73 -15.21 -34.62
N CYS A 171 28.33 -16.35 -34.07
CA CYS A 171 28.56 -16.60 -32.66
C CYS A 171 30.04 -16.69 -32.35
N MET A 172 30.44 -16.10 -31.21
CA MET A 172 31.76 -16.29 -30.66
C MET A 172 31.64 -16.37 -29.15
N GLU A 173 32.32 -17.36 -28.55
CA GLU A 173 32.27 -17.54 -27.11
C GLU A 173 32.84 -16.31 -26.40
N ASP A 174 32.15 -15.87 -25.35
CA ASP A 174 32.56 -14.68 -24.61
C ASP A 174 33.97 -14.83 -24.03
N THR A 175 34.38 -16.05 -23.68
CA THR A 175 35.72 -16.26 -23.16
C THR A 175 36.80 -16.03 -24.21
N MET A 176 36.45 -16.01 -25.48
CA MET A 176 37.40 -15.79 -26.57
C MET A 176 37.13 -14.52 -27.37
N ARG A 177 35.97 -13.89 -27.18
CA ARG A 177 35.56 -12.78 -28.05
C ARG A 177 36.56 -11.63 -28.00
N LYS A 178 37.08 -11.31 -26.82
CA LYS A 178 37.98 -10.17 -26.69
C LYS A 178 39.36 -10.43 -27.27
N ASN A 179 39.74 -11.70 -27.42
CA ASN A 179 41.07 -12.05 -27.94
C ASN A 179 41.23 -11.63 -29.39
N THR A 189 34.10 -6.73 -34.10
CA THR A 189 33.34 -7.25 -35.22
C THR A 189 31.85 -7.35 -34.89
N ASN A 190 31.13 -8.13 -35.70
CA ASN A 190 29.69 -8.34 -35.54
C ASN A 190 29.35 -9.56 -34.69
N PHE A 191 30.25 -9.95 -33.79
CA PHE A 191 30.05 -11.18 -33.02
C PHE A 191 28.81 -11.10 -32.14
N THR A 192 28.22 -12.28 -31.89
CA THR A 192 27.04 -12.40 -31.05
C THR A 192 27.31 -13.42 -29.94
N SER A 193 26.81 -13.12 -28.75
CA SER A 193 27.02 -13.96 -27.58
C SER A 193 26.08 -15.17 -27.62
N PRO A 194 26.55 -16.34 -27.17
CA PRO A 194 25.68 -17.53 -27.19
C PRO A 194 24.43 -17.39 -26.36
N VAL A 195 24.48 -16.68 -25.23
CA VAL A 195 23.29 -16.51 -24.40
C VAL A 195 22.26 -15.63 -25.09
N ILE A 196 22.72 -14.53 -25.69
CA ILE A 196 21.81 -13.58 -26.31
C ILE A 196 21.09 -14.20 -27.49
N GLU A 197 21.82 -14.89 -28.36
CA GLU A 197 21.15 -15.52 -29.50
C GLU A 197 20.47 -16.82 -29.13
N PHE A 198 20.84 -17.47 -28.01
CA PHE A 198 19.96 -18.50 -27.47
C PHE A 198 18.60 -17.92 -27.13
N TRP A 199 18.59 -16.84 -26.36
CA TRP A 199 17.35 -16.15 -26.03
C TRP A 199 16.56 -15.81 -27.29
N GLU A 200 17.25 -15.24 -28.27
CA GLU A 200 16.57 -14.72 -29.45
C GLU A 200 16.07 -15.82 -30.38
N ARG A 201 16.77 -16.95 -30.48
CA ARG A 201 16.53 -17.90 -31.55
C ARG A 201 15.99 -19.26 -31.13
N ASN A 202 16.25 -19.70 -29.89
CA ASN A 202 15.69 -20.96 -29.42
C ASN A 202 14.41 -20.73 -28.61
N VAL A 203 14.48 -19.90 -27.59
CA VAL A 203 13.30 -19.58 -26.79
C VAL A 203 12.34 -18.70 -27.58
N LEU A 204 12.83 -17.55 -28.06
CA LEU A 204 11.96 -16.54 -28.66
C LEU A 204 11.72 -16.74 -30.14
N SER A 205 12.73 -17.18 -30.90
CA SER A 205 12.64 -17.26 -32.36
C SER A 205 12.22 -15.91 -32.94
N LEU A 206 12.98 -14.86 -32.57
CA LEU A 206 12.58 -13.49 -32.85
C LEU A 206 12.36 -13.26 -34.34
N SER A 207 11.10 -12.99 -34.69
CA SER A 207 10.75 -12.60 -36.04
C SER A 207 11.33 -11.22 -36.35
N PRO A 208 11.57 -10.91 -37.63
CA PRO A 208 12.14 -9.60 -37.98
C PRO A 208 11.19 -8.42 -37.74
N GLY A 209 9.97 -8.64 -37.30
CA GLY A 209 9.10 -7.52 -36.99
C GLY A 209 7.73 -8.00 -36.55
N ILE A 210 6.93 -7.04 -36.06
CA ILE A 210 5.57 -7.33 -35.66
C ILE A 210 4.71 -7.61 -36.90
N ASP A 211 5.09 -7.08 -38.06
CA ASP A 211 4.37 -7.35 -39.29
C ASP A 211 4.50 -8.80 -39.71
N HIS A 212 5.40 -9.57 -39.09
CA HIS A 212 5.70 -10.94 -39.46
C HIS A 212 5.47 -11.86 -38.26
N PRO A 213 4.21 -12.20 -37.96
CA PRO A 213 3.92 -13.05 -36.80
C PRO A 213 4.63 -14.41 -36.85
N GLY A 214 4.82 -14.97 -38.04
CA GLY A 214 5.48 -16.25 -38.16
C GLY A 214 4.66 -17.40 -37.60
N SER A 215 5.33 -18.52 -37.39
CA SER A 215 4.67 -19.72 -36.88
C SER A 215 4.39 -19.60 -35.39
N LEU A 216 3.36 -20.30 -34.94
CA LEU A 216 3.04 -20.40 -33.53
C LEU A 216 3.93 -21.47 -32.89
N LYS A 217 4.72 -21.06 -31.90
CA LYS A 217 5.65 -21.98 -31.25
C LYS A 217 4.88 -22.96 -30.37
N TRP A 218 4.89 -24.24 -30.76
CA TRP A 218 4.14 -25.26 -30.02
C TRP A 218 4.67 -25.45 -28.60
N ASP A 219 5.98 -25.37 -28.40
CA ASP A 219 6.53 -25.55 -27.06
C ASP A 219 6.11 -24.41 -26.15
N LEU A 220 6.18 -23.16 -26.63
CA LEU A 220 5.76 -22.04 -25.81
C LEU A 220 4.25 -22.06 -25.57
N ALA A 221 3.48 -22.51 -26.56
CA ALA A 221 2.04 -22.63 -26.37
C ALA A 221 1.71 -23.66 -25.29
N LEU A 222 2.45 -24.77 -25.27
CA LEU A 222 2.23 -25.75 -24.21
C LEU A 222 2.72 -25.27 -22.85
N CYS A 223 3.76 -24.43 -22.81
CA CYS A 223 4.14 -23.83 -21.54
C CYS A 223 3.06 -22.90 -21.02
N LEU A 224 2.48 -22.08 -21.91
CA LEU A 224 1.38 -21.21 -21.51
C LEU A 224 0.18 -22.03 -21.05
N LEU A 225 -0.13 -23.12 -21.75
CA LEU A 225 -1.22 -24.00 -21.33
C LEU A 225 -0.94 -24.59 -19.95
N LEU A 226 0.31 -24.99 -19.71
CA LEU A 226 0.66 -25.57 -18.41
C LEU A 226 0.46 -24.55 -17.28
N VAL A 227 0.97 -23.33 -17.47
CA VAL A 227 0.85 -22.34 -16.39
C VAL A 227 -0.61 -21.95 -16.19
N TRP A 228 -1.39 -21.90 -17.28
CA TRP A 228 -2.81 -21.56 -17.13
C TRP A 228 -3.60 -22.69 -16.48
N LEU A 229 -3.23 -23.95 -16.75
CA LEU A 229 -3.86 -25.06 -16.03
C LEU A 229 -3.54 -24.98 -14.54
N VAL A 230 -2.29 -24.67 -14.20
CA VAL A 230 -1.92 -24.53 -12.79
C VAL A 230 -2.73 -23.40 -12.15
N CYS A 231 -2.83 -22.26 -12.84
CA CYS A 231 -3.62 -21.15 -12.31
C CYS A 231 -5.08 -21.54 -12.14
N PHE A 232 -5.65 -22.25 -13.13
CA PHE A 232 -7.03 -22.68 -13.04
C PHE A 232 -7.28 -23.54 -11.82
N PHE A 233 -6.48 -24.59 -11.64
CA PHE A 233 -6.72 -25.47 -10.50
C PHE A 233 -6.44 -24.78 -9.17
N CYS A 234 -5.40 -23.95 -9.09
CA CYS A 234 -5.12 -23.27 -7.83
C CYS A 234 -6.21 -22.28 -7.46
N ILE A 235 -6.73 -21.53 -8.43
CA ILE A 235 -7.80 -20.58 -8.14
C ILE A 235 -9.09 -21.32 -7.79
N TRP A 236 -9.42 -22.36 -8.56
CA TRP A 236 -10.65 -23.10 -8.31
C TRP A 236 -10.64 -23.76 -6.94
N LYS A 237 -9.57 -24.49 -6.63
CA LYS A 237 -9.47 -25.16 -5.33
C LYS A 237 -9.10 -24.20 -4.20
N GLY A 238 -8.71 -22.98 -4.51
CA GLY A 238 -8.30 -22.04 -3.48
C GLY A 238 -6.95 -22.32 -2.88
N VAL A 239 -6.07 -23.01 -3.60
CA VAL A 239 -4.77 -23.37 -3.06
C VAL A 239 -3.89 -22.13 -2.97
N ARG A 240 -3.34 -21.88 -1.79
CA ARG A 240 -2.42 -20.77 -1.57
C ARG A 240 -1.54 -21.11 -0.37
N SER A 241 -0.39 -20.45 -0.30
CA SER A 241 0.56 -20.73 0.76
C SER A 241 0.04 -20.22 2.09
N THR A 242 -0.49 -21.13 2.91
CA THR A 242 -0.95 -20.77 4.25
C THR A 242 -0.41 -21.76 5.28
N GLY A 243 -0.13 -22.99 4.85
CA GLY A 243 0.46 -23.97 5.71
C GLY A 243 1.92 -23.67 5.95
N LYS A 244 2.62 -24.67 6.50
CA LYS A 244 4.04 -24.51 6.82
C LYS A 244 4.88 -24.14 5.62
N VAL A 245 4.35 -24.27 4.40
CA VAL A 245 5.08 -23.95 3.19
C VAL A 245 5.30 -22.46 2.97
N VAL A 246 4.61 -21.61 3.75
CA VAL A 246 4.75 -20.17 3.54
C VAL A 246 6.17 -19.72 3.86
N TYR A 247 6.79 -20.34 4.87
CA TYR A 247 8.15 -19.96 5.23
C TYR A 247 9.13 -20.22 4.09
N PHE A 248 8.98 -21.37 3.42
CA PHE A 248 9.82 -21.67 2.27
C PHE A 248 9.51 -20.71 1.12
N THR A 249 8.22 -20.50 0.82
CA THR A 249 7.83 -19.66 -0.30
C THR A 249 8.30 -18.22 -0.12
N ALA A 250 8.42 -17.76 1.13
CA ALA A 250 8.92 -16.41 1.36
C ALA A 250 10.43 -16.34 1.42
N THR A 251 11.08 -17.34 2.04
CA THR A 251 12.53 -17.26 2.25
C THR A 251 13.32 -17.55 0.97
N PHE A 252 12.85 -18.52 0.17
CA PHE A 252 13.63 -18.97 -0.98
C PHE A 252 13.90 -17.88 -2.02
N PRO A 253 12.93 -17.05 -2.42
CA PRO A 253 13.27 -15.96 -3.38
C PRO A 253 14.37 -15.04 -2.88
N PHE A 254 14.31 -14.60 -1.63
CA PHE A 254 15.35 -13.72 -1.09
C PHE A 254 16.69 -14.43 -1.01
N ALA A 255 16.68 -15.72 -0.66
CA ALA A 255 17.93 -16.50 -0.64
C ALA A 255 18.56 -16.56 -2.02
N MET A 256 17.76 -16.88 -3.05
CA MET A 256 18.29 -16.94 -4.41
C MET A 256 18.78 -15.57 -4.87
N LEU A 257 18.04 -14.50 -4.53
CA LEU A 257 18.46 -13.16 -4.90
C LEU A 257 19.79 -12.81 -4.24
N LEU A 258 19.97 -13.18 -2.97
CA LEU A 258 21.22 -12.89 -2.29
C LEU A 258 22.38 -13.70 -2.90
N VAL A 259 22.12 -14.95 -3.29
CA VAL A 259 23.16 -15.74 -3.94
C VAL A 259 23.57 -15.10 -5.26
N LEU A 260 22.57 -14.66 -6.06
CA LEU A 260 22.89 -13.99 -7.31
C LEU A 260 23.62 -12.67 -7.07
N LEU A 261 23.30 -11.95 -5.99
CA LEU A 261 23.96 -10.70 -5.59
C LEU A 261 25.45 -10.95 -5.31
N VAL A 262 25.78 -11.93 -4.47
CA VAL A 262 27.16 -12.30 -4.14
C VAL A 262 27.92 -12.78 -5.38
N ARG A 263 27.32 -13.59 -6.27
CA ARG A 263 27.93 -13.91 -7.57
C ARG A 263 28.18 -12.65 -8.40
N GLY A 264 27.24 -11.74 -8.50
CA GLY A 264 27.36 -10.50 -9.27
C GLY A 264 28.48 -9.57 -8.78
N LEU A 265 28.46 -9.16 -7.50
CA LEU A 265 29.44 -8.23 -6.92
C LEU A 265 30.89 -8.73 -6.98
N THR A 266 31.10 -10.04 -7.01
CA THR A 266 32.44 -10.67 -7.00
C THR A 266 33.06 -10.89 -8.39
N LEU A 267 32.31 -10.73 -9.47
CA LEU A 267 32.82 -10.94 -10.84
C LEU A 267 33.71 -9.77 -11.31
N PRO A 268 34.74 -10.00 -12.14
CA PRO A 268 35.69 -8.97 -12.55
C PRO A 268 35.07 -7.96 -13.51
N GLY A 269 34.64 -6.81 -12.99
CA GLY A 269 33.91 -5.77 -13.71
C GLY A 269 32.65 -5.31 -12.99
N ALA A 270 32.32 -5.89 -11.84
CA ALA A 270 31.18 -5.49 -11.04
C ALA A 270 31.15 -3.99 -10.70
N GLY A 271 32.29 -3.38 -10.41
CA GLY A 271 32.38 -1.95 -10.09
C GLY A 271 32.07 -1.01 -11.25
N ALA A 272 32.46 -1.35 -12.49
CA ALA A 272 32.11 -0.57 -13.68
C ALA A 272 30.61 -0.62 -14.01
N GLY A 273 29.94 -1.73 -13.69
CA GLY A 273 28.50 -1.89 -13.81
C GLY A 273 27.72 -1.16 -12.72
N ILE A 274 28.21 -1.17 -11.49
CA ILE A 274 27.65 -0.37 -10.38
C ILE A 274 27.87 1.14 -10.57
N LYS A 275 28.97 1.58 -11.19
CA LYS A 275 29.11 2.98 -11.63
C LYS A 275 28.02 3.36 -12.63
N PHE A 276 27.84 2.60 -13.72
CA PHE A 276 26.78 2.84 -14.72
C PHE A 276 25.39 2.86 -14.07
N TYR A 277 25.13 1.95 -13.13
CA TYR A 277 23.87 1.84 -12.40
C TYR A 277 23.58 3.01 -11.47
N LEU A 278 24.59 3.65 -10.86
CA LEU A 278 24.37 4.70 -9.87
C LEU A 278 24.72 6.10 -10.34
N TYR A 279 25.57 6.26 -11.35
CA TYR A 279 25.96 7.61 -11.76
C TYR A 279 24.89 8.21 -12.66
N PRO A 280 24.24 9.29 -12.23
CA PRO A 280 23.18 9.88 -13.05
C PRO A 280 23.74 10.71 -14.21
N ASP A 281 23.10 10.58 -15.36
CA ASP A 281 23.39 11.44 -16.51
C ASP A 281 22.52 12.69 -16.48
N ILE A 282 22.60 13.44 -15.39
CA ILE A 282 21.68 14.55 -15.15
C ILE A 282 21.76 15.60 -16.25
N THR A 283 22.93 15.75 -16.88
CA THR A 283 23.13 16.83 -17.83
C THR A 283 22.43 16.61 -19.18
N ARG A 284 22.07 15.37 -19.52
CA ARG A 284 21.47 15.14 -20.84
C ARG A 284 20.26 14.22 -20.81
N LEU A 285 20.11 13.40 -19.77
CA LEU A 285 19.18 12.28 -19.83
C LEU A 285 17.74 12.65 -19.51
N GLU A 286 17.46 13.87 -19.07
CA GLU A 286 16.10 14.22 -18.64
C GLU A 286 15.15 14.43 -19.82
N ASP A 287 14.97 13.37 -20.57
CA ASP A 287 13.86 13.25 -21.51
C ASP A 287 12.62 12.77 -20.79
N PRO A 288 11.43 12.96 -21.36
CA PRO A 288 10.21 12.50 -20.67
C PRO A 288 10.16 10.99 -20.50
N GLN A 289 10.83 10.23 -21.37
CA GLN A 289 10.73 8.77 -21.30
C GLN A 289 11.22 8.24 -19.96
N VAL A 290 12.35 8.77 -19.46
CA VAL A 290 12.85 8.30 -18.17
C VAL A 290 11.89 8.68 -17.05
N TRP A 291 11.28 9.87 -17.08
CA TRP A 291 10.31 10.34 -16.09
C TRP A 291 9.07 9.45 -16.06
N ILE A 292 8.51 9.11 -17.22
CA ILE A 292 7.32 8.24 -17.26
C ILE A 292 7.69 6.83 -16.84
N ASP A 293 8.81 6.30 -17.33
CA ASP A 293 9.21 4.94 -16.96
C ASP A 293 9.39 4.82 -15.45
N ALA A 294 10.19 5.71 -14.84
CA ALA A 294 10.48 5.65 -13.43
C ALA A 294 9.23 5.87 -12.58
N GLY A 295 8.36 6.80 -12.97
CA GLY A 295 7.12 7.06 -12.27
C GLY A 295 6.12 5.91 -12.34
N THR A 296 5.88 5.34 -13.52
CA THR A 296 4.92 4.26 -13.67
C THR A 296 5.47 2.92 -13.20
N GLN A 297 6.78 2.76 -13.08
CA GLN A 297 7.33 1.55 -12.47
C GLN A 297 6.93 1.46 -11.00
N ILE A 298 6.90 2.58 -10.27
CA ILE A 298 6.45 2.62 -8.88
C ILE A 298 5.00 2.15 -8.78
N PHE A 299 4.12 2.72 -9.62
CA PHE A 299 2.72 2.34 -9.65
C PHE A 299 2.50 0.88 -10.06
N PHE A 300 3.30 0.35 -11.01
CA PHE A 300 3.21 -1.05 -11.42
C PHE A 300 3.64 -1.98 -10.31
N SER A 301 4.77 -1.68 -9.66
CA SER A 301 5.32 -2.58 -8.65
C SER A 301 4.45 -2.63 -7.40
N TYR A 302 3.78 -1.53 -7.07
CA TYR A 302 2.90 -1.45 -5.92
C TYR A 302 1.48 -1.98 -6.23
N ALA A 303 1.20 -2.41 -7.47
CA ALA A 303 -0.10 -2.93 -7.89
C ALA A 303 -1.23 -1.94 -7.61
N ILE A 304 -0.89 -0.65 -7.56
CA ILE A 304 -1.84 0.44 -7.46
C ILE A 304 -2.34 0.81 -8.85
N CYS A 305 -3.50 1.46 -8.92
CA CYS A 305 -4.26 1.75 -10.13
C CYS A 305 -4.88 0.49 -10.72
N LEU A 306 -4.60 -0.68 -10.15
CA LEU A 306 -5.21 -1.93 -10.57
C LEU A 306 -6.49 -2.26 -9.83
N GLY A 307 -6.71 -1.64 -8.67
CA GLY A 307 -7.82 -2.03 -7.83
C GLY A 307 -7.64 -3.32 -7.08
N ALA A 308 -6.51 -4.02 -7.26
CA ALA A 308 -6.23 -5.20 -6.46
C ALA A 308 -5.93 -4.84 -5.02
N MET A 309 -5.32 -3.67 -4.80
CA MET A 309 -5.05 -3.22 -3.44
C MET A 309 -6.34 -2.92 -2.70
N THR A 310 -7.29 -2.24 -3.36
CA THR A 310 -8.59 -1.99 -2.73
C THR A 310 -9.31 -3.28 -2.42
N SER A 311 -9.25 -4.26 -3.33
CA SER A 311 -9.87 -5.55 -3.09
C SER A 311 -9.24 -6.25 -1.89
N LEU A 312 -7.91 -6.24 -1.82
CA LEU A 312 -7.22 -6.86 -0.69
C LEU A 312 -7.58 -6.17 0.61
N GLY A 313 -7.67 -4.84 0.61
CA GLY A 313 -8.06 -4.11 1.80
C GLY A 313 -9.51 -4.29 2.18
N SER A 314 -10.36 -4.69 1.23
CA SER A 314 -11.77 -4.89 1.53
C SER A 314 -12.00 -6.10 2.42
N TYR A 315 -11.04 -7.01 2.54
CA TYR A 315 -11.15 -8.18 3.40
C TYR A 315 -10.49 -7.98 4.76
N ASN A 316 -10.12 -6.74 5.11
CA ASN A 316 -9.40 -6.43 6.33
C ASN A 316 -10.26 -5.60 7.26
N LYS A 317 -10.16 -5.86 8.55
CA LYS A 317 -10.92 -5.10 9.54
C LYS A 317 -10.39 -3.68 9.65
N TYR A 318 -11.28 -2.71 9.59
CA TYR A 318 -10.90 -1.30 9.67
C TYR A 318 -10.71 -0.85 11.11
N HIS A 319 -9.86 -1.56 11.85
CA HIS A 319 -9.52 -1.18 13.22
C HIS A 319 -8.04 -1.42 13.49
N ASN A 320 -7.19 -1.24 12.49
CA ASN A 320 -5.79 -1.65 12.57
C ASN A 320 -4.88 -0.55 12.05
N ASN A 321 -3.61 -0.64 12.43
CA ASN A 321 -2.59 0.34 12.07
C ASN A 321 -2.17 0.12 10.62
N VAL A 322 -2.98 0.68 9.71
CA VAL A 322 -2.72 0.58 8.28
C VAL A 322 -1.41 1.24 7.90
N TYR A 323 -1.11 2.38 8.53
CA TYR A 323 -0.06 3.27 8.04
C TYR A 323 1.31 2.59 8.10
N ARG A 324 1.67 2.04 9.26
CA ARG A 324 2.98 1.43 9.40
C ARG A 324 3.12 0.20 8.50
N ASP A 325 2.07 -0.61 8.40
CA ASP A 325 2.14 -1.79 7.53
C ASP A 325 2.36 -1.39 6.09
N CYS A 326 1.65 -0.39 5.57
CA CYS A 326 1.85 0.07 4.19
C CYS A 326 3.24 0.68 3.98
N MET A 327 3.72 1.51 4.92
CA MET A 327 5.05 2.10 4.79
C MET A 327 6.15 1.03 4.85
N LEU A 328 5.99 -0.03 5.66
CA LEU A 328 6.97 -1.10 5.71
C LEU A 328 6.93 -1.94 4.43
N LEU A 329 5.74 -2.32 3.98
CA LEU A 329 5.65 -3.14 2.76
C LEU A 329 6.19 -2.40 1.55
N GLY A 330 5.85 -1.12 1.36
CA GLY A 330 6.32 -0.35 0.23
C GLY A 330 7.83 -0.15 0.25
N CYS A 331 8.39 0.27 1.38
CA CYS A 331 9.85 0.38 1.52
C CYS A 331 10.57 -0.97 1.37
N LEU A 332 9.95 -2.10 1.74
CA LEU A 332 10.56 -3.40 1.47
C LEU A 332 10.58 -3.71 -0.03
N ASN A 333 9.46 -3.47 -0.70
CA ASN A 333 9.38 -3.78 -2.14
C ASN A 333 10.40 -2.96 -2.92
N SER A 334 10.43 -1.65 -2.69
CA SER A 334 11.38 -0.78 -3.36
C SER A 334 12.81 -1.09 -2.94
N GLY A 335 13.01 -1.64 -1.74
CA GLY A 335 14.33 -2.06 -1.33
C GLY A 335 14.83 -3.27 -2.10
N THR A 336 13.97 -4.28 -2.26
CA THR A 336 14.39 -5.45 -3.03
C THR A 336 14.61 -5.10 -4.50
N SER A 337 13.79 -4.20 -5.06
CA SER A 337 14.04 -3.76 -6.43
C SER A 337 15.42 -3.13 -6.57
N PHE A 338 15.68 -2.11 -5.74
CA PHE A 338 16.94 -1.39 -5.77
C PHE A 338 18.12 -2.32 -5.52
N VAL A 339 18.02 -3.29 -4.59
CA VAL A 339 19.11 -4.19 -4.26
C VAL A 339 19.39 -5.17 -5.40
N SER A 340 18.34 -5.77 -5.98
CA SER A 340 18.54 -6.66 -7.12
C SER A 340 19.09 -5.91 -8.33
N GLY A 341 18.88 -4.59 -8.38
CA GLY A 341 19.55 -3.79 -9.40
C GLY A 341 21.06 -3.91 -9.35
N PHE A 342 21.63 -3.99 -8.13
CA PHE A 342 23.07 -4.17 -8.00
C PHE A 342 23.53 -5.47 -8.65
N ALA A 343 22.79 -6.57 -8.43
CA ALA A 343 23.16 -7.84 -9.03
C ALA A 343 23.07 -7.78 -10.54
N ILE A 344 21.95 -7.27 -11.07
CA ILE A 344 21.78 -7.17 -12.52
C ILE A 344 22.91 -6.37 -13.14
N PHE A 345 23.22 -5.20 -12.59
CA PHE A 345 24.20 -4.35 -13.21
C PHE A 345 25.63 -4.78 -12.97
N SER A 346 25.95 -5.49 -11.90
CA SER A 346 27.27 -6.08 -11.73
C SER A 346 27.50 -7.26 -12.65
N ILE A 347 26.48 -8.08 -12.95
CA ILE A 347 26.54 -9.06 -14.05
C ILE A 347 26.73 -8.36 -15.40
N LEU A 348 26.00 -7.28 -15.71
CA LEU A 348 26.17 -6.54 -16.96
C LEU A 348 27.57 -5.94 -17.07
N GLY A 349 28.11 -5.37 -15.99
CA GLY A 349 29.44 -4.76 -15.94
C GLY A 349 30.58 -5.78 -16.07
N PHE A 350 30.39 -7.00 -15.55
CA PHE A 350 31.26 -8.13 -15.85
C PHE A 350 31.18 -8.53 -17.32
N MET A 351 29.99 -8.64 -17.91
CA MET A 351 29.86 -8.92 -19.33
C MET A 351 30.55 -7.86 -20.17
N ALA A 352 30.48 -6.58 -19.80
CA ALA A 352 31.14 -5.50 -20.52
C ALA A 352 32.66 -5.71 -20.52
N GLN A 353 33.26 -6.00 -19.37
CA GLN A 353 34.69 -6.26 -19.24
C GLN A 353 35.15 -7.54 -19.94
N GLU A 354 34.36 -8.60 -19.90
CA GLU A 354 34.66 -9.85 -20.66
C GLU A 354 34.54 -9.70 -22.15
N GLN A 355 33.48 -9.09 -22.65
CA GLN A 355 33.28 -9.03 -24.10
C GLN A 355 33.98 -7.84 -24.73
N GLY A 356 34.41 -6.85 -23.95
CA GLY A 356 35.07 -5.70 -24.50
C GLY A 356 34.17 -4.74 -25.24
N VAL A 357 32.95 -4.53 -24.73
CA VAL A 357 32.00 -3.56 -25.29
C VAL A 357 31.45 -2.72 -24.15
N ASP A 358 30.75 -1.66 -24.53
CA ASP A 358 30.18 -0.75 -23.54
C ASP A 358 29.07 -1.44 -22.75
N ILE A 359 28.85 -0.98 -21.51
CA ILE A 359 27.83 -1.53 -20.62
C ILE A 359 26.46 -1.35 -21.24
N ALA A 360 26.20 -0.27 -21.98
CA ALA A 360 24.92 -0.04 -22.62
C ALA A 360 24.65 -0.97 -23.80
N ASP A 361 25.68 -1.69 -24.28
CA ASP A 361 25.55 -2.55 -25.45
C ASP A 361 25.65 -4.04 -25.16
N VAL A 362 25.82 -4.44 -23.89
CA VAL A 362 26.08 -5.84 -23.60
C VAL A 362 24.84 -6.70 -23.81
N ALA A 363 23.64 -6.12 -23.65
CA ALA A 363 22.43 -6.92 -23.61
C ALA A 363 21.24 -6.18 -24.21
N GLU A 364 20.04 -6.67 -23.93
CA GLU A 364 18.80 -6.19 -24.54
C GLU A 364 18.20 -5.08 -23.70
N SER A 365 17.93 -3.93 -24.35
CA SER A 365 17.19 -2.84 -23.73
C SER A 365 15.69 -3.16 -23.80
N GLY A 366 15.31 -4.20 -23.06
CA GLY A 366 13.97 -4.74 -23.16
C GLY A 366 13.74 -5.88 -22.17
N PRO A 367 12.59 -6.55 -22.31
CA PRO A 367 12.21 -7.59 -21.34
C PRO A 367 13.23 -8.71 -21.20
N GLY A 368 14.02 -8.95 -22.25
CA GLY A 368 14.98 -10.04 -22.24
C GLY A 368 16.19 -9.81 -21.37
N LEU A 369 16.29 -8.65 -20.71
CA LEU A 369 17.46 -8.34 -19.91
C LEU A 369 17.69 -9.38 -18.82
N ALA A 370 16.63 -9.75 -18.09
CA ALA A 370 16.80 -10.71 -17.01
C ALA A 370 17.12 -12.12 -17.54
N PHE A 371 16.47 -12.53 -18.63
CA PHE A 371 16.72 -13.83 -19.23
C PHE A 371 18.05 -13.90 -19.94
N ILE A 372 18.74 -12.78 -20.12
CA ILE A 372 20.12 -12.77 -20.58
C ILE A 372 21.10 -12.72 -19.41
N ALA A 373 20.83 -11.87 -18.41
CA ALA A 373 21.76 -11.68 -17.31
C ALA A 373 21.82 -12.88 -16.38
N TYR A 374 20.67 -13.29 -15.83
CA TYR A 374 20.69 -14.37 -14.84
C TYR A 374 21.17 -15.72 -15.39
N PRO A 375 20.76 -16.15 -16.59
CA PRO A 375 21.41 -17.33 -17.18
C PRO A 375 22.92 -17.18 -17.30
N LYS A 376 23.41 -15.99 -17.67
CA LYS A 376 24.84 -15.76 -17.72
C LYS A 376 25.46 -15.91 -16.32
N ALA A 377 24.77 -15.39 -15.30
CA ALA A 377 25.26 -15.50 -13.93
C ALA A 377 25.34 -16.95 -13.48
N VAL A 378 24.28 -17.73 -13.72
CA VAL A 378 24.28 -19.13 -13.30
C VAL A 378 25.23 -19.97 -14.14
N THR A 379 25.60 -19.49 -15.33
CA THR A 379 26.65 -20.15 -16.10
C THR A 379 28.01 -20.04 -15.42
N MET A 380 28.21 -19.02 -14.58
CA MET A 380 29.45 -18.69 -13.87
C MET A 380 29.50 -19.30 -12.46
N MET A 381 28.73 -20.35 -12.15
CA MET A 381 28.61 -20.89 -10.81
C MET A 381 28.91 -22.38 -10.83
N PRO A 382 29.38 -22.94 -9.72
CA PRO A 382 29.61 -24.39 -9.66
C PRO A 382 28.34 -25.17 -9.91
N LEU A 383 28.45 -26.20 -10.75
CA LEU A 383 27.33 -27.03 -11.18
C LEU A 383 26.21 -26.15 -11.69
N PRO A 384 26.38 -25.53 -12.88
CA PRO A 384 25.39 -24.53 -13.35
C PRO A 384 23.96 -25.05 -13.43
N THR A 385 23.79 -26.34 -13.72
CA THR A 385 22.43 -26.89 -13.86
C THR A 385 21.61 -26.70 -12.59
N PHE A 386 22.24 -26.92 -11.43
CA PHE A 386 21.54 -26.80 -10.16
C PHE A 386 21.05 -25.38 -9.94
N TRP A 387 21.92 -24.39 -10.18
CA TRP A 387 21.53 -23.00 -9.97
C TRP A 387 20.54 -22.51 -11.02
N SER A 388 20.65 -22.98 -12.26
CA SER A 388 19.64 -22.63 -13.26
C SER A 388 18.26 -23.17 -12.86
N ILE A 389 18.23 -24.43 -12.43
CA ILE A 389 16.97 -25.03 -11.98
C ILE A 389 16.39 -24.26 -10.81
N LEU A 390 17.22 -23.96 -9.81
CA LEU A 390 16.74 -23.23 -8.63
C LEU A 390 16.26 -21.83 -9.00
N PHE A 391 17.01 -21.13 -9.87
CA PHE A 391 16.61 -19.80 -10.30
C PHE A 391 15.26 -19.83 -10.98
N PHE A 392 15.05 -20.76 -11.90
CA PHE A 392 13.79 -20.72 -12.63
C PHE A 392 12.63 -21.25 -11.80
N ILE A 393 12.87 -22.14 -10.83
CA ILE A 393 11.81 -22.46 -9.88
C ILE A 393 11.46 -21.24 -9.03
N MET A 394 12.47 -20.48 -8.61
CA MET A 394 12.22 -19.26 -7.85
C MET A 394 11.40 -18.27 -8.66
N LEU A 395 11.77 -18.09 -9.93
CA LEU A 395 11.03 -17.17 -10.79
C LEU A 395 9.60 -17.64 -10.99
N LEU A 396 9.40 -18.94 -11.19
CA LEU A 396 8.05 -19.47 -11.37
C LEU A 396 7.22 -19.27 -10.12
N LEU A 397 7.79 -19.54 -8.94
CA LEU A 397 7.04 -19.33 -7.70
C LEU A 397 6.68 -17.86 -7.50
N LEU A 398 7.66 -16.97 -7.69
CA LEU A 398 7.44 -15.54 -7.45
C LEU A 398 6.45 -14.95 -8.43
N GLY A 399 6.39 -15.47 -9.66
CA GLY A 399 5.42 -15.00 -10.61
C GLY A 399 4.05 -15.62 -10.41
N LEU A 400 4.02 -16.91 -10.07
CA LEU A 400 2.76 -17.61 -9.88
C LEU A 400 1.99 -17.06 -8.69
N ASP A 401 2.67 -16.74 -7.60
CA ASP A 401 1.94 -16.18 -6.45
C ASP A 401 1.25 -14.88 -6.83
N SER A 402 1.96 -13.98 -7.50
CA SER A 402 1.38 -12.72 -7.95
C SER A 402 0.24 -12.96 -8.93
N GLN A 403 0.43 -13.91 -9.86
CA GLN A 403 -0.61 -14.23 -10.83
C GLN A 403 -1.87 -14.76 -10.15
N PHE A 404 -1.71 -15.62 -9.14
CA PHE A 404 -2.85 -16.08 -8.36
C PHE A 404 -3.58 -14.91 -7.71
N VAL A 405 -2.82 -13.98 -7.11
CA VAL A 405 -3.45 -12.83 -6.49
C VAL A 405 -4.22 -12.01 -7.52
N GLU A 406 -3.62 -11.76 -8.68
CA GLU A 406 -4.26 -10.89 -9.67
C GLU A 406 -5.47 -11.55 -10.30
N VAL A 407 -5.41 -12.85 -10.57
CA VAL A 407 -6.55 -13.55 -11.15
C VAL A 407 -7.69 -13.65 -10.15
N GLU A 408 -7.37 -13.90 -8.87
CA GLU A 408 -8.41 -13.91 -7.86
C GLU A 408 -9.06 -12.53 -7.73
N GLY A 409 -8.26 -11.47 -7.75
CA GLY A 409 -8.81 -10.14 -7.69
C GLY A 409 -9.73 -9.84 -8.87
N GLN A 410 -9.30 -10.22 -10.07
CA GLN A 410 -10.12 -10.04 -11.26
C GLN A 410 -11.43 -10.83 -11.14
N ILE A 411 -11.34 -12.08 -10.68
CA ILE A 411 -12.52 -12.94 -10.61
C ILE A 411 -13.55 -12.36 -9.64
N THR A 412 -13.11 -11.98 -8.44
CA THR A 412 -14.06 -11.43 -7.48
C THR A 412 -14.55 -10.05 -7.89
N SER A 413 -13.73 -9.26 -8.59
CA SER A 413 -14.21 -7.98 -9.09
C SER A 413 -15.30 -8.15 -10.14
N LEU A 414 -15.11 -9.10 -11.07
CA LEU A 414 -16.09 -9.30 -12.13
C LEU A 414 -17.34 -10.04 -11.64
N VAL A 415 -17.21 -10.87 -10.61
CA VAL A 415 -18.37 -11.60 -10.11
C VAL A 415 -19.39 -10.65 -9.48
N ASP A 416 -18.93 -9.57 -8.86
CA ASP A 416 -19.84 -8.63 -8.23
C ASP A 416 -20.68 -7.86 -9.24
N LEU A 417 -20.28 -7.85 -10.51
CA LEU A 417 -21.03 -7.14 -11.54
C LEU A 417 -22.22 -7.93 -12.05
N TYR A 418 -22.30 -9.23 -11.75
CA TYR A 418 -23.44 -10.04 -12.13
C TYR A 418 -23.56 -11.25 -11.19
N PRO A 419 -23.77 -11.04 -9.89
CA PRO A 419 -23.79 -12.18 -8.96
C PRO A 419 -24.92 -13.15 -9.19
N SER A 420 -25.98 -12.74 -9.90
CA SER A 420 -27.11 -13.64 -10.15
C SER A 420 -26.77 -14.76 -11.12
N PHE A 421 -25.71 -14.60 -11.91
CA PHE A 421 -25.32 -15.65 -12.86
C PHE A 421 -23.86 -16.03 -12.65
N LEU A 422 -23.02 -15.06 -12.29
CA LEU A 422 -21.59 -15.31 -12.09
C LEU A 422 -21.28 -15.93 -10.72
N ARG A 423 -22.28 -16.15 -9.86
CA ARG A 423 -22.03 -16.72 -8.55
C ARG A 423 -23.02 -17.84 -8.21
N LYS A 424 -23.73 -18.38 -9.20
CA LYS A 424 -24.71 -19.43 -8.98
C LYS A 424 -24.01 -20.78 -8.84
N GLY A 425 -23.28 -20.92 -7.74
CA GLY A 425 -22.59 -22.16 -7.42
C GLY A 425 -21.45 -22.48 -8.37
N TYR A 426 -21.53 -23.65 -9.02
CA TYR A 426 -20.50 -24.08 -9.96
C TYR A 426 -20.45 -23.21 -11.22
N ARG A 427 -21.43 -22.34 -11.41
CA ARG A 427 -21.29 -21.29 -12.43
C ARG A 427 -20.06 -20.42 -12.16
N ARG A 428 -19.65 -20.32 -10.89
CA ARG A 428 -18.40 -19.62 -10.58
C ARG A 428 -17.20 -20.36 -11.17
N GLU A 429 -17.18 -21.69 -11.05
CA GLU A 429 -16.10 -22.46 -11.68
C GLU A 429 -16.16 -22.34 -13.20
N ILE A 430 -17.37 -22.31 -13.76
CA ILE A 430 -17.52 -22.12 -15.20
C ILE A 430 -16.95 -20.78 -15.64
N PHE A 431 -17.24 -19.73 -14.85
CA PHE A 431 -16.71 -18.40 -15.14
C PHE A 431 -15.20 -18.37 -15.03
N ILE A 432 -14.64 -19.04 -14.02
CA ILE A 432 -13.19 -19.11 -13.88
C ILE A 432 -12.58 -19.79 -15.10
N ALA A 433 -13.17 -20.90 -15.53
CA ALA A 433 -12.66 -21.60 -16.71
C ALA A 433 -12.75 -20.73 -17.96
N PHE A 434 -13.86 -19.99 -18.10
CA PHE A 434 -14.02 -19.10 -19.25
C PHE A 434 -12.95 -18.01 -19.25
N VAL A 435 -12.70 -17.40 -18.08
CA VAL A 435 -11.72 -16.33 -18.00
C VAL A 435 -10.32 -16.88 -18.30
N CYS A 436 -9.98 -18.05 -17.77
CA CYS A 436 -8.67 -18.64 -18.03
C CYS A 436 -8.51 -18.99 -19.51
N SER A 437 -9.56 -19.53 -20.13
CA SER A 437 -9.49 -19.87 -21.55
C SER A 437 -9.30 -18.62 -22.41
N ILE A 438 -10.08 -17.57 -22.12
CA ILE A 438 -9.98 -16.34 -22.90
C ILE A 438 -8.60 -15.73 -22.74
N SER A 439 -8.07 -15.70 -21.51
CA SER A 439 -6.74 -15.14 -21.30
C SER A 439 -5.67 -16.00 -21.97
N TYR A 440 -5.85 -17.31 -22.01
CA TYR A 440 -4.90 -18.17 -22.71
C TYR A 440 -4.92 -17.90 -24.21
N LEU A 441 -6.11 -17.78 -24.80
CA LEU A 441 -6.20 -17.50 -26.23
C LEU A 441 -5.64 -16.12 -26.56
N LEU A 442 -5.78 -15.16 -25.66
CA LEU A 442 -5.20 -13.84 -25.90
C LEU A 442 -3.68 -13.87 -25.78
N GLY A 443 -3.16 -14.60 -24.78
CA GLY A 443 -1.71 -14.73 -24.65
C GLY A 443 -1.09 -15.53 -25.77
N LEU A 444 -1.86 -16.40 -26.42
CA LEU A 444 -1.35 -17.20 -27.51
C LEU A 444 -0.79 -16.36 -28.66
N THR A 445 -1.24 -15.11 -28.80
CA THR A 445 -0.72 -14.26 -29.87
C THR A 445 0.74 -13.93 -29.65
N MET A 446 1.19 -13.93 -28.40
CA MET A 446 2.57 -13.61 -28.05
C MET A 446 3.49 -14.82 -28.08
N VAL A 447 2.96 -16.02 -28.32
CA VAL A 447 3.78 -17.21 -28.46
C VAL A 447 4.36 -17.35 -29.87
N THR A 448 3.79 -16.62 -30.84
CA THR A 448 4.28 -16.66 -32.21
C THR A 448 5.69 -16.09 -32.28
N GLU A 449 6.35 -16.35 -33.40
CA GLU A 449 7.74 -15.91 -33.57
C GLU A 449 7.87 -14.40 -33.45
N GLY A 450 6.83 -13.66 -33.84
CA GLY A 450 6.74 -12.23 -33.64
C GLY A 450 6.13 -11.80 -32.32
N GLY A 451 6.01 -12.72 -31.36
CA GLY A 451 5.31 -12.41 -30.12
C GLY A 451 6.04 -11.43 -29.22
N MET A 452 7.36 -11.30 -29.39
CA MET A 452 8.11 -10.38 -28.55
C MET A 452 7.66 -8.93 -28.74
N TYR A 453 7.40 -8.53 -29.99
CA TYR A 453 6.95 -7.17 -30.24
C TYR A 453 5.58 -6.90 -29.62
N VAL A 454 4.68 -7.89 -29.69
CA VAL A 454 3.38 -7.75 -29.04
C VAL A 454 3.55 -7.66 -27.53
N PHE A 455 4.45 -8.47 -26.97
CA PHE A 455 4.71 -8.42 -25.53
C PHE A 455 5.24 -7.06 -25.11
N GLN A 456 6.18 -6.51 -25.89
CA GLN A 456 6.71 -5.19 -25.58
C GLN A 456 5.63 -4.12 -25.67
N LEU A 457 4.76 -4.21 -26.67
CA LEU A 457 3.65 -3.25 -26.77
C LEU A 457 2.74 -3.36 -25.56
N PHE A 458 2.41 -4.59 -25.16
CA PHE A 458 1.54 -4.80 -24.01
C PHE A 458 2.17 -4.27 -22.73
N ASP A 459 3.47 -4.54 -22.53
CA ASP A 459 4.16 -4.06 -21.34
C ASP A 459 4.22 -2.54 -21.31
N TYR A 460 4.46 -1.92 -22.46
CA TYR A 460 4.60 -0.47 -22.49
C TYR A 460 3.27 0.25 -22.31
N TYR A 461 2.19 -0.28 -22.91
CA TYR A 461 0.94 0.47 -23.00
C TYR A 461 -0.21 -0.10 -22.16
N ALA A 462 -0.37 -1.42 -22.10
CA ALA A 462 -1.63 -1.98 -21.63
C ALA A 462 -1.82 -1.84 -20.12
N ALA A 463 -0.75 -2.00 -19.34
CA ALA A 463 -0.88 -1.98 -17.88
C ALA A 463 0.20 -1.12 -17.24
N SER A 464 0.70 -0.12 -17.97
CA SER A 464 1.72 0.79 -17.44
C SER A 464 1.64 2.09 -18.23
N GLY A 465 2.53 3.02 -17.89
CA GLY A 465 2.60 4.26 -18.65
C GLY A 465 1.50 5.22 -18.27
N VAL A 466 0.96 5.91 -19.28
CA VAL A 466 0.05 7.02 -19.06
C VAL A 466 -1.23 6.59 -18.34
N CYS A 467 -1.62 5.32 -18.48
CA CYS A 467 -2.86 4.87 -17.86
C CYS A 467 -2.77 4.85 -16.34
N LEU A 468 -1.61 4.47 -15.80
CA LEU A 468 -1.44 4.49 -14.35
C LEU A 468 -1.41 5.91 -13.83
N LEU A 469 -0.75 6.82 -14.55
CA LEU A 469 -0.76 8.25 -14.24
C LEU A 469 -2.19 8.78 -14.23
N TRP A 470 -3.00 8.38 -15.20
CA TRP A 470 -4.40 8.81 -15.31
C TRP A 470 -5.20 8.34 -14.11
N VAL A 471 -5.08 7.05 -13.78
CA VAL A 471 -5.89 6.50 -12.68
C VAL A 471 -5.46 7.09 -11.34
N ALA A 472 -4.15 7.21 -11.09
CA ALA A 472 -3.62 7.78 -9.85
C ALA A 472 -3.98 9.26 -9.71
N PHE A 473 -4.01 10.00 -10.82
CA PHE A 473 -4.44 11.38 -10.79
C PHE A 473 -5.92 11.51 -10.45
N PHE A 474 -6.77 10.70 -11.07
CA PHE A 474 -8.19 10.82 -10.75
C PHE A 474 -8.50 10.33 -9.34
N GLU A 475 -7.82 9.28 -8.85
CA GLU A 475 -8.03 8.87 -7.46
C GLU A 475 -7.68 10.00 -6.50
N CYS A 476 -6.47 10.55 -6.63
CA CYS A 476 -6.01 11.59 -5.71
C CYS A 476 -6.85 12.85 -5.84
N PHE A 477 -7.20 13.23 -7.08
CA PHE A 477 -8.01 14.42 -7.30
C PHE A 477 -9.38 14.26 -6.67
N VAL A 478 -10.04 13.12 -6.90
CA VAL A 478 -11.38 12.92 -6.33
C VAL A 478 -11.31 13.01 -4.82
N ILE A 479 -10.41 12.24 -4.21
CA ILE A 479 -10.38 12.18 -2.75
C ILE A 479 -9.98 13.52 -2.14
N ALA A 480 -9.00 14.20 -2.73
CA ALA A 480 -8.53 15.44 -2.14
C ALA A 480 -9.53 16.58 -2.33
N TRP A 481 -10.15 16.69 -3.51
CA TRP A 481 -10.91 17.89 -3.84
C TRP A 481 -12.40 17.67 -3.94
N ILE A 482 -12.87 16.59 -4.58
CA ILE A 482 -14.30 16.42 -4.76
C ILE A 482 -14.93 15.81 -3.52
N TYR A 483 -14.42 14.65 -3.08
CA TYR A 483 -14.86 14.08 -1.82
C TYR A 483 -14.46 14.97 -0.65
N GLY A 484 -13.18 15.30 -0.57
CA GLY A 484 -12.72 16.20 0.48
C GLY A 484 -11.58 15.62 1.31
N GLY A 485 -10.46 16.33 1.36
CA GLY A 485 -9.36 15.90 2.20
C GLY A 485 -9.71 15.88 3.68
N ASN A 486 -10.51 16.86 4.12
CA ASN A 486 -10.94 16.86 5.52
C ASN A 486 -11.82 15.65 5.83
N ARG A 487 -12.74 15.31 4.92
CA ARG A 487 -13.58 14.13 5.12
C ARG A 487 -12.74 12.85 5.14
N PHE A 488 -11.80 12.73 4.19
CA PHE A 488 -11.00 11.52 4.11
C PHE A 488 -10.11 11.37 5.34
N SER A 489 -9.52 12.47 5.82
CA SER A 489 -8.72 12.43 7.04
C SER A 489 -9.57 12.10 8.26
N GLU A 490 -10.81 12.62 8.32
CA GLU A 490 -11.68 12.27 9.44
C GLU A 490 -12.05 10.79 9.41
N ASP A 491 -12.33 10.24 8.22
CA ASP A 491 -12.60 8.82 8.11
C ASP A 491 -11.40 7.98 8.53
N ILE A 492 -10.20 8.39 8.12
CA ILE A 492 -8.99 7.68 8.52
C ILE A 492 -8.80 7.76 10.03
N ARG A 493 -9.10 8.92 10.63
CA ARG A 493 -9.11 9.03 12.09
C ARG A 493 -10.06 8.00 12.69
N ASP A 494 -11.28 7.90 12.15
CA ASP A 494 -12.26 6.97 12.69
C ASP A 494 -11.77 5.53 12.61
N MET A 495 -11.14 5.16 11.49
CA MET A 495 -10.69 3.79 11.32
C MET A 495 -9.44 3.47 12.13
N ILE A 496 -8.33 4.15 11.83
CA ILE A 496 -7.03 3.78 12.38
C ILE A 496 -6.64 4.60 13.62
N GLY A 497 -7.36 5.68 13.92
CA GLY A 497 -7.17 6.40 15.16
C GLY A 497 -6.41 7.71 15.07
N PHE A 498 -5.75 7.99 13.94
CA PHE A 498 -4.99 9.23 13.82
C PHE A 498 -5.05 9.73 12.40
N PRO A 499 -4.97 11.05 12.19
CA PRO A 499 -5.05 11.60 10.83
C PRO A 499 -3.79 11.30 10.05
N PRO A 500 -3.86 11.35 8.71
CA PRO A 500 -2.67 11.03 7.89
C PRO A 500 -1.47 11.93 8.14
N GLY A 501 -1.70 13.19 8.52
CA GLY A 501 -0.62 14.14 8.66
C GLY A 501 -0.32 14.87 7.36
N PRO A 502 0.59 15.83 7.42
CA PRO A 502 0.81 16.71 6.25
C PRO A 502 1.36 15.99 5.02
N TRP A 503 2.23 14.98 5.15
CA TRP A 503 2.87 14.37 3.97
C TRP A 503 1.84 13.71 3.05
N MET A 504 1.00 12.85 3.62
CA MET A 504 -0.09 12.20 2.90
C MET A 504 -1.09 13.23 2.37
N LYS A 505 -1.47 14.22 3.17
CA LYS A 505 -2.46 15.22 2.77
C LYS A 505 -1.99 16.00 1.56
N TYR A 506 -0.77 16.56 1.62
CA TYR A 506 -0.27 17.32 0.48
C TYR A 506 0.17 16.44 -0.67
N SER A 507 0.59 15.20 -0.46
CA SER A 507 0.87 14.29 -1.55
C SER A 507 -0.37 14.00 -2.38
N TRP A 508 -1.52 13.76 -1.74
CA TRP A 508 -2.79 13.62 -2.44
C TRP A 508 -3.26 14.94 -3.03
N ALA A 509 -3.11 16.07 -2.34
CA ALA A 509 -3.70 17.32 -2.82
C ALA A 509 -2.91 17.94 -3.98
N VAL A 510 -1.59 17.94 -3.91
CA VAL A 510 -0.78 18.67 -4.89
C VAL A 510 0.24 17.76 -5.55
N ILE A 511 1.10 17.10 -4.77
CA ILE A 511 2.32 16.49 -5.31
C ILE A 511 1.99 15.41 -6.32
N THR A 512 1.10 14.48 -5.99
CA THR A 512 0.72 13.41 -6.92
C THR A 512 0.04 13.97 -8.16
N PRO A 513 -0.97 14.86 -8.07
CA PRO A 513 -1.54 15.49 -9.27
C PRO A 513 -0.50 16.24 -10.11
N VAL A 514 0.36 17.04 -9.47
CA VAL A 514 1.37 17.78 -10.21
C VAL A 514 2.34 16.84 -10.91
N LEU A 515 2.82 15.77 -10.26
CA LEU A 515 3.74 14.80 -10.88
C LEU A 515 3.09 14.06 -12.06
N CYS A 516 1.85 13.59 -11.90
CA CYS A 516 1.13 12.89 -12.97
C CYS A 516 0.83 13.80 -14.15
N VAL A 517 0.41 15.06 -13.93
CA VAL A 517 0.13 15.99 -15.02
C VAL A 517 1.42 16.45 -15.69
N GLY A 518 2.47 16.69 -14.89
CA GLY A 518 3.74 17.10 -15.48
C GLY A 518 4.31 16.04 -16.40
N CYS A 519 4.31 14.78 -15.95
CA CYS A 519 4.80 13.65 -16.74
C CYS A 519 3.96 13.43 -18.00
N PHE A 520 2.64 13.57 -17.91
CA PHE A 520 1.76 13.40 -19.07
C PHE A 520 1.98 14.50 -20.11
N ILE A 521 2.01 15.75 -19.65
CA ILE A 521 2.22 16.87 -20.57
C ILE A 521 3.62 16.83 -21.17
N PHE A 522 4.63 16.48 -20.37
CA PHE A 522 5.99 16.41 -20.89
C PHE A 522 6.10 15.31 -21.94
N SER A 523 5.40 14.18 -21.72
CA SER A 523 5.35 13.13 -22.72
C SER A 523 4.72 13.60 -24.01
N LEU A 524 3.65 14.39 -23.93
CA LEU A 524 2.99 14.81 -25.17
C LEU A 524 3.77 15.91 -25.89
N VAL A 525 4.38 16.83 -25.14
CA VAL A 525 5.11 17.94 -25.75
C VAL A 525 6.40 17.45 -26.40
N LYS A 526 7.10 16.52 -25.75
CA LYS A 526 8.39 16.04 -26.22
C LYS A 526 8.27 14.59 -26.67
N TYR A 527 7.22 14.28 -27.41
CA TYR A 527 6.89 12.91 -27.77
C TYR A 527 7.98 12.25 -28.60
N VAL A 528 8.35 11.04 -28.20
CA VAL A 528 9.18 10.14 -29.00
C VAL A 528 8.49 8.78 -28.99
N PRO A 529 8.49 8.04 -30.10
CA PRO A 529 7.74 6.79 -30.17
C PRO A 529 8.45 5.64 -29.48
N LEU A 530 7.67 4.60 -29.21
CA LEU A 530 8.19 3.37 -28.62
C LEU A 530 9.13 2.66 -29.59
N THR A 531 10.17 2.03 -29.03
CA THR A 531 11.04 1.14 -29.77
C THR A 531 11.24 -0.15 -28.98
N TYR A 532 11.55 -1.22 -29.71
CA TYR A 532 11.99 -2.47 -29.09
C TYR A 532 13.51 -2.54 -29.18
N ASN A 533 14.14 -2.91 -28.06
CA ASN A 533 15.58 -2.85 -27.94
C ASN A 533 16.06 -1.44 -28.27
N LYS A 534 17.19 -1.33 -28.96
CA LYS A 534 17.75 -0.02 -29.26
C LYS A 534 17.32 0.51 -30.63
N THR A 535 16.92 -0.35 -31.57
CA THR A 535 16.81 0.07 -32.96
C THR A 535 15.49 -0.26 -33.65
N TYR A 536 14.71 -1.24 -33.17
CA TYR A 536 13.50 -1.62 -33.90
C TYR A 536 12.44 -0.54 -33.73
N VAL A 537 11.86 -0.10 -34.85
CA VAL A 537 10.85 0.95 -34.87
C VAL A 537 9.51 0.32 -35.21
N TYR A 538 8.53 0.53 -34.34
CA TYR A 538 7.19 0.01 -34.59
C TYR A 538 6.51 0.80 -35.70
N PRO A 539 5.71 0.14 -36.54
CA PRO A 539 4.88 0.88 -37.50
C PRO A 539 3.78 1.65 -36.80
N ASN A 540 3.26 2.66 -37.51
CA ASN A 540 2.23 3.52 -36.93
C ASN A 540 1.01 2.73 -36.49
N TRP A 541 0.68 1.64 -37.19
CA TRP A 541 -0.48 0.84 -36.81
C TRP A 541 -0.25 0.14 -35.47
N ALA A 542 0.97 -0.29 -35.19
CA ALA A 542 1.25 -0.90 -33.90
C ALA A 542 1.26 0.13 -32.77
N ILE A 543 1.74 1.34 -33.04
CA ILE A 543 1.63 2.42 -32.06
C ILE A 543 0.16 2.73 -31.78
N GLY A 544 -0.66 2.76 -32.83
CA GLY A 544 -2.09 2.98 -32.64
C GLY A 544 -2.73 1.86 -31.84
N LEU A 545 -2.29 0.62 -32.07
CA LEU A 545 -2.80 -0.50 -31.29
C LEU A 545 -2.43 -0.37 -29.82
N GLY A 546 -1.18 0.01 -29.53
CA GLY A 546 -0.78 0.24 -28.16
C GLY A 546 -1.57 1.36 -27.50
N TRP A 547 -1.79 2.46 -28.23
CA TRP A 547 -2.60 3.54 -27.70
C TRP A 547 -4.05 3.11 -27.52
N SER A 548 -4.55 2.21 -28.36
CA SER A 548 -5.87 1.66 -28.14
C SER A 548 -5.92 0.83 -26.86
N LEU A 549 -4.86 0.06 -26.61
CA LEU A 549 -4.77 -0.71 -25.37
C LEU A 549 -4.81 0.22 -24.16
N ALA A 550 -4.05 1.32 -24.23
CA ALA A 550 -4.05 2.28 -23.12
C ALA A 550 -5.41 2.97 -22.99
N LEU A 551 -5.98 3.43 -24.10
CA LEU A 551 -7.24 4.15 -24.06
C LEU A 551 -8.39 3.27 -23.60
N SER A 552 -8.29 1.95 -23.80
CA SER A 552 -9.31 1.05 -23.27
C SER A 552 -9.46 1.23 -21.76
N SER A 553 -8.34 1.47 -21.07
CA SER A 553 -8.40 1.77 -19.65
C SER A 553 -8.72 3.24 -19.39
N MET A 554 -8.08 4.15 -20.12
CA MET A 554 -8.22 5.58 -19.82
C MET A 554 -9.65 6.07 -20.02
N LEU A 555 -10.30 5.68 -21.12
CA LEU A 555 -11.61 6.20 -21.48
C LEU A 555 -12.72 5.73 -20.55
N CYS A 556 -12.44 4.81 -19.63
CA CYS A 556 -13.48 4.30 -18.76
C CYS A 556 -14.10 5.41 -17.92
N VAL A 557 -13.29 6.36 -17.46
CA VAL A 557 -13.79 7.41 -16.58
C VAL A 557 -14.74 8.34 -17.34
N PRO A 558 -14.35 8.94 -18.48
CA PRO A 558 -15.33 9.78 -19.20
C PRO A 558 -16.58 9.01 -19.62
N LEU A 559 -16.43 7.75 -20.03
CA LEU A 559 -17.58 6.97 -20.47
C LEU A 559 -18.55 6.73 -19.33
N VAL A 560 -18.04 6.30 -18.16
CA VAL A 560 -18.93 6.08 -17.04
C VAL A 560 -19.51 7.41 -16.56
N ILE A 561 -18.75 8.50 -16.61
CA ILE A 561 -19.29 9.80 -16.22
C ILE A 561 -20.51 10.14 -17.08
N VAL A 562 -20.37 10.01 -18.39
CA VAL A 562 -21.49 10.40 -19.25
C VAL A 562 -22.64 9.40 -19.12
N ILE A 563 -22.35 8.12 -18.86
CA ILE A 563 -23.43 7.14 -18.68
C ILE A 563 -24.24 7.45 -17.43
N ARG A 564 -23.55 7.64 -16.29
CA ARG A 564 -24.27 7.95 -15.06
C ARG A 564 -24.96 9.31 -15.13
N LEU A 565 -24.43 10.25 -15.91
CA LEU A 565 -25.17 11.48 -16.16
C LEU A 565 -26.43 11.20 -16.97
N CYS A 566 -26.34 10.29 -17.95
CA CYS A 566 -27.51 9.93 -18.74
C CYS A 566 -28.54 9.19 -17.90
N GLN A 567 -28.09 8.30 -17.00
CA GLN A 567 -29.01 7.46 -16.24
C GLN A 567 -29.82 8.24 -15.22
N THR A 568 -29.36 9.41 -14.80
CA THR A 568 -29.97 10.14 -13.68
C THR A 568 -30.98 11.15 -14.20
N GLU A 569 -32.17 11.13 -13.60
CA GLU A 569 -33.23 12.08 -13.94
C GLU A 569 -32.97 13.44 -13.31
N GLY A 570 -33.72 14.43 -13.77
CA GLY A 570 -33.66 15.77 -13.22
C GLY A 570 -32.74 16.69 -14.01
N PRO A 571 -32.71 17.96 -13.63
CA PRO A 571 -31.83 18.91 -14.31
C PRO A 571 -30.36 18.53 -14.17
N PHE A 572 -29.54 19.05 -15.10
CA PHE A 572 -28.15 18.66 -15.18
C PHE A 572 -27.41 18.94 -13.87
N LEU A 573 -27.61 20.12 -13.29
CA LEU A 573 -26.94 20.45 -12.03
C LEU A 573 -27.42 19.56 -10.89
N VAL A 574 -28.72 19.22 -10.88
CA VAL A 574 -29.22 18.30 -9.87
C VAL A 574 -28.60 16.91 -10.06
N ARG A 575 -28.48 16.47 -11.32
CA ARG A 575 -27.79 15.20 -11.58
C ARG A 575 -26.37 15.22 -11.05
N VAL A 576 -25.64 16.31 -11.31
CA VAL A 576 -24.24 16.41 -10.87
C VAL A 576 -24.17 16.39 -9.35
N LYS A 577 -25.03 17.15 -8.68
CA LYS A 577 -25.03 17.18 -7.23
C LYS A 577 -25.37 15.81 -6.65
N TYR A 578 -26.32 15.11 -7.27
CA TYR A 578 -26.69 13.77 -6.80
C TYR A 578 -25.55 12.79 -6.98
N LEU A 579 -24.85 12.85 -8.10
CA LEU A 579 -23.81 11.87 -8.39
C LEU A 579 -22.47 12.22 -7.76
N LEU A 580 -22.29 13.45 -7.26
CA LEU A 580 -21.08 13.76 -6.51
C LEU A 580 -21.19 13.32 -5.06
N THR A 581 -22.36 13.48 -4.45
CA THR A 581 -22.52 13.14 -3.05
C THR A 581 -22.44 11.62 -2.86
N PRO A 582 -21.72 11.15 -1.85
CA PRO A 582 -21.60 9.71 -1.64
C PRO A 582 -22.94 9.08 -1.26
N ARG A 583 -23.01 7.77 -1.46
CA ARG A 583 -24.10 6.96 -0.93
C ARG A 583 -23.75 6.45 0.46
N GLU A 584 -24.76 5.94 1.16
CA GLU A 584 -24.57 5.39 2.49
C GLU A 584 -23.70 4.14 2.46
N GLU B 1 -2.35 25.28 20.75
CA GLU B 1 -2.92 24.38 21.75
C GLU B 1 -2.68 24.93 23.15
N VAL B 2 -3.61 25.77 23.63
CA VAL B 2 -3.39 26.52 24.86
C VAL B 2 -4.49 26.29 25.88
N GLN B 3 -5.75 26.55 25.49
CA GLN B 3 -6.79 26.85 26.46
C GLN B 3 -8.10 26.16 26.12
N LEU B 4 -8.80 25.68 27.16
CA LEU B 4 -10.19 25.27 27.07
C LEU B 4 -10.93 25.77 28.30
N VAL B 5 -12.15 26.27 28.11
CA VAL B 5 -12.93 26.88 29.19
C VAL B 5 -14.37 26.40 29.07
N GLU B 6 -14.82 25.60 30.04
CA GLU B 6 -16.21 25.18 30.10
C GLU B 6 -17.08 26.27 30.70
N SER B 7 -18.38 26.20 30.38
CA SER B 7 -19.36 27.11 30.95
C SER B 7 -20.73 26.44 30.94
N GLY B 8 -21.65 26.99 31.73
CA GLY B 8 -23.03 26.54 31.72
C GLY B 8 -23.44 25.60 32.82
N GLY B 9 -22.52 25.20 33.71
CA GLY B 9 -22.90 24.34 34.81
C GLY B 9 -23.76 25.07 35.83
N GLY B 10 -24.61 24.31 36.52
CA GLY B 10 -25.45 24.88 37.55
C GLY B 10 -26.37 23.88 38.23
N LEU B 11 -27.44 24.39 38.85
CA LEU B 11 -28.39 23.56 39.59
C LEU B 11 -29.70 23.47 38.82
N VAL B 12 -30.15 22.24 38.57
CA VAL B 12 -31.42 21.98 37.90
C VAL B 12 -32.12 20.85 38.63
N LYS B 13 -33.44 20.82 38.52
CA LYS B 13 -34.22 19.77 39.15
C LYS B 13 -34.00 18.44 38.44
N PRO B 14 -34.16 17.32 39.15
CA PRO B 14 -34.07 16.02 38.48
C PRO B 14 -35.11 15.89 37.37
N GLY B 15 -34.70 15.29 36.27
CA GLY B 15 -35.53 15.21 35.09
C GLY B 15 -35.52 16.44 34.21
N GLY B 16 -34.79 17.49 34.59
CA GLY B 16 -34.70 18.69 33.79
C GLY B 16 -33.74 18.54 32.63
N SER B 17 -33.43 19.68 32.00
CA SER B 17 -32.54 19.73 30.86
C SER B 17 -31.56 20.89 31.03
N LEU B 18 -30.34 20.68 30.52
CA LEU B 18 -29.28 21.67 30.63
C LEU B 18 -28.36 21.55 29.43
N LYS B 19 -27.67 22.62 29.09
CA LYS B 19 -26.77 22.63 27.94
C LYS B 19 -25.49 23.24 28.32
N LEU B 20 -24.46 22.43 28.32
CA LEU B 20 -23.10 22.86 28.67
C LEU B 20 -22.38 23.39 27.45
N SER B 21 -21.43 24.29 27.70
CA SER B 21 -20.61 24.89 26.65
C SER B 21 -19.14 24.80 27.03
N CYS B 22 -18.27 24.73 26.02
CA CYS B 22 -16.83 24.69 26.24
C CYS B 22 -16.14 25.47 25.13
N ALA B 23 -15.57 26.62 25.49
CA ALA B 23 -14.84 27.44 24.52
C ALA B 23 -13.40 26.94 24.39
N ALA B 24 -12.83 27.13 23.20
CA ALA B 24 -11.49 26.68 22.89
C ALA B 24 -10.67 27.83 22.31
N SER B 25 -9.36 27.79 22.56
CA SER B 25 -8.47 28.85 22.08
C SER B 25 -7.07 28.27 21.88
N GLY B 26 -6.29 28.96 21.04
CA GLY B 26 -4.91 28.60 20.81
C GLY B 26 -4.67 27.44 19.87
N PHE B 27 -5.72 26.91 19.25
CA PHE B 27 -5.56 25.85 18.27
C PHE B 27 -6.72 25.89 17.29
N THR B 28 -6.53 25.25 16.14
CA THR B 28 -7.57 25.14 15.13
C THR B 28 -8.61 24.13 15.58
N PHE B 29 -9.65 24.62 16.26
CA PHE B 29 -10.65 23.74 16.88
C PHE B 29 -11.31 22.82 15.86
N SER B 30 -11.44 23.27 14.61
CA SER B 30 -12.07 22.45 13.58
C SER B 30 -11.26 21.20 13.24
N SER B 31 -9.98 21.15 13.61
CA SER B 31 -9.09 20.07 13.22
C SER B 31 -8.92 19.00 14.30
N TYR B 32 -9.59 19.13 15.45
CA TYR B 32 -9.37 18.23 16.57
C TYR B 32 -10.70 17.68 17.05
N ALA B 33 -10.76 16.35 17.23
CA ALA B 33 -11.91 15.73 17.85
C ALA B 33 -11.98 16.14 19.32
N MET B 34 -13.21 16.33 19.81
CA MET B 34 -13.43 16.80 21.17
C MET B 34 -14.30 15.79 21.92
N SER B 35 -14.01 15.63 23.21
CA SER B 35 -14.70 14.67 24.05
C SER B 35 -15.05 15.30 25.39
N TRP B 36 -16.11 14.78 26.01
CA TRP B 36 -16.52 15.18 27.35
C TRP B 36 -16.22 14.04 28.33
N VAL B 37 -15.57 14.38 29.44
CA VAL B 37 -15.24 13.41 30.48
C VAL B 37 -15.86 13.89 31.79
N ARG B 38 -16.41 12.96 32.55
CA ARG B 38 -17.25 13.28 33.70
C ARG B 38 -16.65 12.68 34.97
N GLN B 39 -16.54 13.51 36.00
CA GLN B 39 -15.98 13.10 37.30
C GLN B 39 -17.08 13.23 38.35
N SER B 40 -17.51 12.09 38.90
CA SER B 40 -18.56 12.07 39.91
C SER B 40 -18.04 12.69 41.21
N PRO B 41 -18.94 13.03 42.14
CA PRO B 41 -18.48 13.50 43.46
C PRO B 41 -17.59 12.48 44.16
N GLU B 42 -17.75 11.20 43.80
CA GLU B 42 -16.86 10.15 44.26
C GLU B 42 -15.52 10.12 43.52
N LYS B 43 -15.23 11.17 42.74
CA LYS B 43 -13.98 11.37 42.01
C LYS B 43 -13.75 10.36 40.91
N ARG B 44 -14.71 9.51 40.60
CA ARG B 44 -14.54 8.50 39.55
C ARG B 44 -14.71 9.15 38.18
N LEU B 45 -13.70 9.01 37.32
CA LEU B 45 -13.78 9.53 35.96
C LEU B 45 -14.63 8.61 35.09
N GLU B 46 -15.55 9.20 34.33
CA GLU B 46 -16.38 8.47 33.39
C GLU B 46 -16.45 9.23 32.08
N TRP B 47 -16.20 8.52 30.97
CA TRP B 47 -16.29 9.12 29.65
C TRP B 47 -17.75 9.23 29.21
N VAL B 48 -18.09 10.35 28.59
CA VAL B 48 -19.49 10.61 28.22
C VAL B 48 -19.69 10.45 26.73
N ALA B 49 -19.03 11.29 25.93
CA ALA B 49 -19.30 11.32 24.50
C ALA B 49 -18.10 11.91 23.77
N GLU B 50 -17.93 11.49 22.52
CA GLU B 50 -16.90 12.01 21.64
C GLU B 50 -17.53 12.47 20.33
N ILE B 51 -17.11 13.64 19.86
CA ILE B 51 -17.53 14.17 18.57
C ILE B 51 -16.30 14.34 17.70
N SER B 52 -16.36 13.81 16.48
CA SER B 52 -15.25 13.90 15.55
C SER B 52 -14.94 15.36 15.22
N SER B 53 -13.81 15.57 14.55
CA SER B 53 -13.38 16.92 14.22
C SER B 53 -14.40 17.63 13.34
N GLY B 54 -15.03 16.90 12.41
CA GLY B 54 -16.07 17.45 11.58
C GLY B 54 -17.48 17.11 12.00
N GLY B 55 -17.65 16.42 13.12
CA GLY B 55 -18.98 16.10 13.63
C GLY B 55 -19.69 14.97 12.92
N ARG B 56 -19.06 14.30 11.96
CA ARG B 56 -19.73 13.23 11.24
C ARG B 56 -19.81 11.94 12.05
N TYR B 57 -18.81 11.67 12.88
CA TYR B 57 -18.81 10.49 13.75
C TYR B 57 -18.99 10.92 15.19
N ILE B 58 -19.98 10.33 15.87
CA ILE B 58 -20.31 10.64 17.25
C ILE B 58 -20.48 9.35 18.02
N TYR B 59 -19.93 9.30 19.23
CA TYR B 59 -20.03 8.14 20.10
C TYR B 59 -20.53 8.56 21.47
N TYR B 60 -21.26 7.66 22.13
CA TYR B 60 -21.80 7.91 23.47
C TYR B 60 -21.53 6.70 24.36
N SER B 61 -21.40 6.96 25.65
CA SER B 61 -21.40 5.87 26.63
C SER B 61 -22.82 5.36 26.83
N ASP B 62 -22.94 4.08 27.18
CA ASP B 62 -24.25 3.45 27.27
C ASP B 62 -25.16 4.14 28.29
N THR B 63 -24.59 4.80 29.30
CA THR B 63 -25.39 5.40 30.36
C THR B 63 -26.04 6.72 29.97
N VAL B 64 -25.63 7.32 28.84
CA VAL B 64 -26.14 8.63 28.45
C VAL B 64 -26.58 8.57 26.99
N THR B 65 -26.46 7.40 26.37
CA THR B 65 -26.63 7.28 24.92
C THR B 65 -27.98 7.82 24.43
N GLY B 66 -29.02 7.68 25.25
CA GLY B 66 -30.34 8.11 24.84
C GLY B 66 -30.72 9.51 25.29
N ARG B 67 -29.95 10.07 26.21
CA ARG B 67 -30.32 11.32 26.87
C ARG B 67 -29.43 12.51 26.54
N PHE B 68 -28.18 12.27 26.10
CA PHE B 68 -27.22 13.34 25.87
C PHE B 68 -26.95 13.53 24.38
N THR B 69 -26.70 14.78 24.00
CA THR B 69 -26.46 15.16 22.61
C THR B 69 -25.27 16.10 22.56
N ILE B 70 -24.13 15.59 22.09
CA ILE B 70 -22.93 16.41 21.91
C ILE B 70 -23.01 17.13 20.57
N SER B 71 -22.44 18.33 20.50
CA SER B 71 -22.43 19.11 19.28
C SER B 71 -21.26 20.07 19.34
N ARG B 72 -20.88 20.59 18.17
CA ARG B 72 -19.74 21.49 18.07
C ARG B 72 -20.05 22.59 17.06
N ASP B 73 -19.38 23.73 17.24
CA ASP B 73 -19.47 24.87 16.33
C ASP B 73 -18.05 25.18 15.87
N ASN B 74 -17.64 24.55 14.76
CA ASN B 74 -16.30 24.76 14.23
C ASN B 74 -16.07 26.21 13.84
N ALA B 75 -17.13 26.92 13.44
CA ALA B 75 -16.98 28.31 13.02
C ALA B 75 -16.71 29.25 14.19
N ARG B 76 -17.05 28.86 15.41
CA ARG B 76 -16.87 29.72 16.57
C ARG B 76 -15.91 29.15 17.61
N ASN B 77 -15.40 27.93 17.41
CA ASN B 77 -14.49 27.27 18.35
C ASN B 77 -15.13 27.07 19.72
N ILE B 78 -16.42 26.76 19.75
CA ILE B 78 -17.14 26.41 20.97
C ILE B 78 -17.71 25.00 20.83
N LEU B 79 -17.48 24.18 21.84
CA LEU B 79 -18.06 22.85 21.95
C LEU B 79 -19.28 22.88 22.86
N HIS B 80 -20.27 22.04 22.55
CA HIS B 80 -21.53 21.99 23.29
C HIS B 80 -21.82 20.57 23.75
N LEU B 81 -22.58 20.46 24.84
CA LEU B 81 -23.16 19.20 25.29
C LEU B 81 -24.58 19.48 25.74
N GLU B 82 -25.55 18.79 25.12
CA GLU B 82 -26.95 18.96 25.44
C GLU B 82 -27.46 17.75 26.22
N MET B 83 -28.11 18.02 27.34
CA MET B 83 -28.67 16.97 28.20
C MET B 83 -30.18 17.13 28.24
N SER B 84 -30.91 16.06 27.91
CA SER B 84 -32.36 16.12 27.84
C SER B 84 -33.04 15.76 29.16
N SER B 85 -32.65 14.65 29.78
CA SER B 85 -33.32 14.14 30.99
C SER B 85 -32.25 13.74 32.02
N LEU B 86 -31.90 14.70 32.88
CA LEU B 86 -30.89 14.44 33.90
C LEU B 86 -31.46 13.62 35.05
N ARG B 87 -30.89 12.43 35.25
CA ARG B 87 -31.21 11.60 36.39
C ARG B 87 -30.40 12.04 37.61
N SER B 88 -30.73 11.44 38.76
CA SER B 88 -30.01 11.76 39.99
C SER B 88 -28.53 11.43 39.90
N GLU B 89 -28.18 10.41 39.11
CA GLU B 89 -26.80 9.95 39.04
C GLU B 89 -25.91 10.83 38.16
N ASP B 90 -26.48 11.81 37.47
CA ASP B 90 -25.72 12.62 36.52
C ASP B 90 -25.00 13.80 37.17
N THR B 91 -25.18 14.02 38.47
CA THR B 91 -24.52 15.15 39.12
C THR B 91 -23.01 14.92 39.19
N ALA B 92 -22.25 15.85 38.62
CA ALA B 92 -20.80 15.72 38.53
C ALA B 92 -20.14 16.98 37.99
N MET B 93 -18.81 16.92 37.82
CA MET B 93 -18.04 17.98 37.17
C MET B 93 -17.63 17.51 35.78
N TYR B 94 -17.89 18.35 34.78
CA TYR B 94 -17.73 17.98 33.38
C TYR B 94 -16.52 18.69 32.78
N TYR B 95 -15.64 17.91 32.14
CA TYR B 95 -14.46 18.44 31.47
C TYR B 95 -14.55 18.16 29.97
N CYS B 96 -14.31 19.19 29.17
CA CYS B 96 -14.11 18.99 27.73
C CYS B 96 -12.63 18.73 27.46
N ALA B 97 -12.38 17.71 26.63
CA ALA B 97 -11.02 17.21 26.42
C ALA B 97 -10.74 17.07 24.94
N ARG B 98 -9.53 17.46 24.53
CA ARG B 98 -9.09 17.36 23.15
C ARG B 98 -8.48 15.98 22.91
N GLY B 99 -9.11 15.20 22.03
CA GLY B 99 -8.78 13.80 21.87
C GLY B 99 -8.55 13.36 20.44
N GLU B 100 -7.87 14.21 19.64
CA GLU B 100 -7.75 13.96 18.21
C GLU B 100 -7.05 12.64 17.89
N VAL B 101 -6.02 12.28 18.66
CA VAL B 101 -5.24 11.08 18.39
C VAL B 101 -5.56 10.05 19.46
N ARG B 102 -6.15 8.92 19.04
CA ARG B 102 -6.51 7.87 19.97
C ARG B 102 -5.29 7.20 20.58
N GLN B 103 -4.18 7.17 19.85
CA GLN B 103 -2.94 6.58 20.36
C GLN B 103 -2.20 7.51 21.31
N ARG B 104 -2.67 8.75 21.48
CA ARG B 104 -2.03 9.71 22.37
C ARG B 104 -2.93 10.14 23.53
N GLY B 105 -4.25 10.11 23.37
CA GLY B 105 -5.14 10.44 24.45
C GLY B 105 -5.53 11.91 24.50
N PHE B 106 -6.06 12.30 25.66
CA PHE B 106 -6.61 13.64 25.87
C PHE B 106 -5.48 14.59 26.26
N ASP B 107 -4.98 15.33 25.27
CA ASP B 107 -3.83 16.22 25.49
C ASP B 107 -4.13 17.30 26.52
N TYR B 108 -5.29 17.94 26.43
CA TYR B 108 -5.62 19.11 27.25
C TYR B 108 -6.99 18.97 27.87
N TRP B 109 -7.13 19.51 29.08
CA TRP B 109 -8.38 19.47 29.84
C TRP B 109 -8.76 20.88 30.27
N GLY B 110 -10.05 21.19 30.18
CA GLY B 110 -10.57 22.46 30.63
C GLY B 110 -10.73 22.51 32.14
N GLN B 111 -11.18 23.67 32.63
CA GLN B 111 -11.32 23.87 34.06
C GLN B 111 -12.51 23.11 34.65
N GLY B 112 -13.53 22.85 33.85
CA GLY B 112 -14.67 22.07 34.30
C GLY B 112 -15.74 22.91 34.97
N THR B 113 -16.96 22.40 34.92
CA THR B 113 -18.12 23.03 35.55
C THR B 113 -18.90 21.98 36.33
N THR B 114 -19.29 22.32 37.56
CA THR B 114 -20.06 21.41 38.38
C THR B 114 -21.53 21.43 37.98
N LEU B 115 -22.13 20.25 37.90
CA LEU B 115 -23.54 20.11 37.59
C LEU B 115 -24.19 19.37 38.76
N THR B 116 -25.23 19.98 39.34
CA THR B 116 -25.93 19.44 40.48
C THR B 116 -27.41 19.28 40.15
N VAL B 117 -28.00 18.17 40.61
CA VAL B 117 -29.43 17.91 40.47
C VAL B 117 -29.97 17.51 41.83
N SER B 118 -31.01 18.20 42.30
CA SER B 118 -31.69 17.85 43.54
C SER B 118 -33.02 18.59 43.66
N GLU C 1 -18.56 -3.10 27.76
CA GLU C 1 -17.55 -2.12 28.14
C GLU C 1 -16.36 -2.81 28.81
N ASN C 2 -15.16 -2.50 28.31
CA ASN C 2 -13.93 -3.07 28.85
C ASN C 2 -13.63 -2.40 30.19
N VAL C 3 -13.95 -3.08 31.29
CA VAL C 3 -13.76 -2.51 32.61
C VAL C 3 -12.27 -2.52 32.97
N LEU C 4 -11.76 -1.37 33.38
CA LEU C 4 -10.39 -1.25 33.84
C LEU C 4 -10.35 -1.11 35.36
N THR C 5 -9.47 -1.88 35.99
CA THR C 5 -9.34 -1.88 37.45
C THR C 5 -7.89 -1.62 37.83
N GLN C 6 -7.69 -0.86 38.91
CA GLN C 6 -6.37 -0.52 39.42
C GLN C 6 -6.26 -1.03 40.84
N SER C 7 -5.17 -1.77 41.13
CA SER C 7 -5.08 -2.47 42.41
C SER C 7 -4.82 -1.54 43.59
N PRO C 8 -3.72 -0.76 43.63
CA PRO C 8 -3.40 -0.03 44.88
C PRO C 8 -4.21 1.27 45.03
N ALA C 9 -5.44 1.12 45.55
CA ALA C 9 -6.36 2.24 45.61
C ALA C 9 -5.81 3.45 46.36
N ILE C 10 -4.95 3.22 47.36
CA ILE C 10 -4.30 4.30 48.09
C ILE C 10 -2.88 3.88 48.41
N MET C 11 -1.94 4.84 48.31
CA MET C 11 -0.52 4.56 48.53
C MET C 11 0.09 5.66 49.41
N SER C 12 0.05 5.45 50.73
CA SER C 12 0.85 6.26 51.63
C SER C 12 2.31 5.85 51.50
N THR C 13 3.16 6.78 51.06
CA THR C 13 4.55 6.45 50.76
C THR C 13 5.45 7.56 51.26
N SER C 14 6.59 7.17 51.82
CA SER C 14 7.60 8.12 52.25
C SER C 14 8.36 8.66 51.04
N PRO C 15 8.84 9.90 51.11
CA PRO C 15 9.59 10.47 49.99
C PRO C 15 10.82 9.65 49.63
N GLY C 16 11.11 9.57 48.34
CA GLY C 16 12.27 8.87 47.84
C GLY C 16 12.08 7.41 47.51
N GLU C 17 11.02 6.78 48.02
CA GLU C 17 10.78 5.38 47.73
C GLU C 17 10.23 5.19 46.31
N LYS C 18 10.50 4.02 45.74
CA LYS C 18 9.95 3.67 44.44
C LYS C 18 8.53 3.15 44.59
N VAL C 19 7.69 3.45 43.61
CA VAL C 19 6.28 3.09 43.64
C VAL C 19 5.87 2.56 42.27
N THR C 20 5.05 1.51 42.27
CA THR C 20 4.51 0.93 41.06
C THR C 20 3.01 0.72 41.24
N MET C 21 2.24 1.10 40.23
CA MET C 21 0.78 1.03 40.27
C MET C 21 0.29 0.17 39.12
N THR C 22 -0.48 -0.87 39.43
CA THR C 22 -0.96 -1.81 38.42
C THR C 22 -2.32 -1.40 37.87
N CYS C 23 -2.52 -1.66 36.59
CA CYS C 23 -3.81 -1.48 35.93
C CYS C 23 -4.16 -2.76 35.18
N ARG C 24 -5.40 -3.21 35.32
CA ARG C 24 -5.85 -4.47 34.73
C ARG C 24 -7.12 -4.24 33.93
N ALA C 25 -7.24 -4.95 32.81
CA ALA C 25 -8.34 -4.77 31.88
C ALA C 25 -9.17 -6.04 31.78
N SER C 26 -10.48 -5.86 31.61
CA SER C 26 -11.37 -7.00 31.40
C SER C 26 -11.21 -7.60 30.01
N SER C 27 -10.57 -6.89 29.08
CA SER C 27 -10.38 -7.38 27.72
C SER C 27 -9.04 -6.87 27.21
N SER C 28 -8.54 -7.53 26.17
CA SER C 28 -7.23 -7.19 25.63
C SER C 28 -7.22 -5.78 25.05
N VAL C 29 -6.33 -4.94 25.56
CA VAL C 29 -6.15 -3.57 25.08
C VAL C 29 -4.84 -3.47 24.32
N GLY C 30 -4.88 -2.88 23.13
CA GLY C 30 -3.66 -2.65 22.40
C GLY C 30 -2.72 -1.73 23.16
N SER C 31 -1.42 -2.01 23.05
CA SER C 31 -0.42 -1.23 23.76
C SER C 31 -0.46 0.24 23.34
N SER C 32 -0.84 0.51 22.09
CA SER C 32 -0.91 1.89 21.61
C SER C 32 -2.09 2.67 22.18
N TYR C 33 -3.08 2.00 22.77
CA TYR C 33 -4.33 2.63 23.13
C TYR C 33 -4.56 2.71 24.64
N LEU C 34 -3.51 2.55 25.45
CA LEU C 34 -3.60 2.70 26.89
C LEU C 34 -2.78 3.89 27.35
N HIS C 35 -3.39 4.75 28.16
CA HIS C 35 -2.77 5.99 28.60
C HIS C 35 -2.95 6.16 30.11
N TRP C 36 -2.08 6.97 30.71
CA TRP C 36 -2.15 7.30 32.13
C TRP C 36 -2.28 8.80 32.32
N TYR C 37 -3.11 9.21 33.26
CA TYR C 37 -3.36 10.62 33.54
C TYR C 37 -3.07 10.93 35.00
N GLN C 38 -2.47 12.10 35.23
CA GLN C 38 -2.30 12.63 36.57
C GLN C 38 -3.40 13.66 36.86
N GLN C 39 -3.81 13.73 38.12
CA GLN C 39 -4.79 14.73 38.54
C GLN C 39 -4.41 15.21 39.94
N LYS C 40 -4.08 16.47 40.06
CA LYS C 40 -3.73 16.98 41.35
C LYS C 40 -4.98 17.34 42.04
N SER C 41 -5.02 17.28 43.35
CA SER C 41 -6.24 17.54 44.13
C SER C 41 -6.75 18.95 43.87
N GLY C 42 -8.02 19.04 43.47
CA GLY C 42 -8.61 20.32 43.18
C GLY C 42 -8.31 20.88 41.81
N ALA C 43 -7.82 20.05 40.88
CA ALA C 43 -7.48 20.49 39.54
C ALA C 43 -7.95 19.44 38.53
N SER C 44 -8.01 19.86 37.27
CA SER C 44 -8.41 18.95 36.20
C SER C 44 -7.28 17.98 35.88
N PRO C 45 -7.61 16.79 35.39
CA PRO C 45 -6.57 15.81 35.04
C PRO C 45 -5.68 16.32 33.91
N LYS C 46 -4.47 15.76 33.84
CA LYS C 46 -3.52 16.09 32.80
C LYS C 46 -2.90 14.78 32.28
N LEU C 47 -2.70 14.73 30.96
CA LEU C 47 -2.10 13.55 30.35
C LEU C 47 -0.70 13.33 30.90
N TRP C 48 -0.39 12.09 31.25
CA TRP C 48 0.88 11.76 31.87
C TRP C 48 1.72 10.79 31.04
N ILE C 49 1.14 9.66 30.64
CA ILE C 49 1.82 8.69 29.79
C ILE C 49 0.85 8.24 28.72
N TYR C 50 1.34 8.07 27.50
CA TYR C 50 0.55 7.57 26.39
C TYR C 50 1.33 6.48 25.67
N SER C 51 0.60 5.61 24.97
CA SER C 51 1.16 4.47 24.26
C SER C 51 2.00 3.60 25.19
N THR C 52 1.60 3.58 26.47
CA THR C 52 2.06 2.64 27.49
C THR C 52 3.50 2.90 27.94
N SER C 53 4.24 3.75 27.23
CA SER C 53 5.56 4.14 27.69
C SER C 53 5.91 5.59 27.44
N ASN C 54 5.19 6.31 26.58
CA ASN C 54 5.66 7.60 26.10
C ASN C 54 5.25 8.68 27.09
N LEU C 55 6.24 9.26 27.77
CA LEU C 55 5.99 10.28 28.76
C LEU C 55 5.47 11.55 28.10
N ALA C 56 4.55 12.22 28.79
CA ALA C 56 3.96 13.46 28.30
C ALA C 56 5.00 14.57 28.31
N SER C 57 4.56 15.79 27.95
CA SER C 57 5.50 16.89 27.78
C SER C 57 6.15 17.30 29.09
N GLY C 58 5.36 17.45 30.16
CA GLY C 58 5.87 18.03 31.39
C GLY C 58 6.20 17.05 32.49
N VAL C 59 5.92 15.78 32.28
CA VAL C 59 6.18 14.77 33.31
C VAL C 59 7.69 14.58 33.49
N PRO C 60 8.19 14.56 34.71
CA PRO C 60 9.63 14.31 34.93
C PRO C 60 10.01 12.91 34.47
N ALA C 61 11.30 12.77 34.12
CA ALA C 61 11.81 11.50 33.62
C ALA C 61 11.73 10.37 34.65
N ARG C 62 11.51 10.69 35.93
CA ARG C 62 11.45 9.66 36.95
C ARG C 62 10.26 8.71 36.76
N PHE C 63 9.26 9.14 35.99
CA PHE C 63 8.10 8.28 35.72
C PHE C 63 8.38 7.35 34.56
N SER C 64 7.72 6.19 34.58
CA SER C 64 7.85 5.20 33.52
C SER C 64 6.57 4.38 33.45
N GLY C 65 6.39 3.71 32.31
CA GLY C 65 5.24 2.85 32.10
C GLY C 65 5.57 1.59 31.33
N SER C 66 4.89 0.49 31.65
CA SER C 66 5.10 -0.78 30.97
C SER C 66 3.83 -1.60 31.03
N GLY C 67 3.68 -2.49 30.07
CA GLY C 67 2.56 -3.43 30.08
C GLY C 67 2.19 -3.84 28.67
N SER C 68 1.30 -4.84 28.61
CA SER C 68 0.82 -5.36 27.33
C SER C 68 -0.41 -6.22 27.60
N GLY C 69 -1.23 -6.37 26.57
CA GLY C 69 -2.43 -7.17 26.66
C GLY C 69 -3.47 -6.68 27.65
N THR C 70 -3.66 -7.43 28.74
CA THR C 70 -4.64 -7.10 29.75
C THR C 70 -4.01 -6.64 31.07
N SER C 71 -2.70 -6.43 31.11
CA SER C 71 -2.03 -6.02 32.33
C SER C 71 -1.10 -4.86 32.01
N TYR C 72 -1.14 -3.82 32.85
CA TYR C 72 -0.40 -2.59 32.61
C TYR C 72 0.02 -2.01 33.94
N SER C 73 1.12 -1.24 33.91
CA SER C 73 1.66 -0.69 35.15
C SER C 73 2.35 0.64 34.88
N LEU C 74 2.30 1.51 35.88
CA LEU C 74 3.03 2.77 35.90
C LEU C 74 3.98 2.76 37.09
N THR C 75 5.21 3.20 36.87
CA THR C 75 6.24 3.17 37.90
C THR C 75 6.81 4.56 38.15
N ILE C 76 7.27 4.77 39.37
CA ILE C 76 7.93 6.01 39.79
C ILE C 76 9.25 5.61 40.45
N SER C 77 10.37 6.13 39.93
CA SER C 77 11.66 5.80 40.50
C SER C 77 11.81 6.31 41.93
N SER C 78 11.33 7.52 42.20
CA SER C 78 11.44 8.11 43.53
C SER C 78 10.32 9.13 43.70
N VAL C 79 9.37 8.83 44.59
CA VAL C 79 8.25 9.73 44.80
C VAL C 79 8.70 10.97 45.57
N GLU C 80 7.87 12.01 45.50
CA GLU C 80 8.16 13.27 46.17
C GLU C 80 6.84 13.98 46.44
N ALA C 81 6.94 15.10 47.17
CA ALA C 81 5.74 15.88 47.49
C ALA C 81 5.01 16.33 46.23
N GLU C 82 5.75 16.69 45.18
CA GLU C 82 5.13 17.14 43.94
C GLU C 82 4.38 16.02 43.22
N ASP C 83 4.61 14.76 43.59
CA ASP C 83 3.98 13.63 42.92
C ASP C 83 2.68 13.20 43.59
N ALA C 84 2.26 13.86 44.66
CA ALA C 84 1.06 13.47 45.39
C ALA C 84 -0.17 13.82 44.55
N ALA C 85 -0.70 12.83 43.84
CA ALA C 85 -1.87 13.05 42.99
C ALA C 85 -2.51 11.69 42.71
N THR C 86 -3.68 11.73 42.10
CA THR C 86 -4.42 10.53 41.72
C THR C 86 -4.15 10.21 40.25
N TYR C 87 -3.89 8.94 39.97
CA TYR C 87 -3.50 8.49 38.64
C TYR C 87 -4.51 7.49 38.12
N TYR C 88 -4.94 7.68 36.86
CA TYR C 88 -5.95 6.84 36.23
C TYR C 88 -5.38 6.24 34.95
N CYS C 89 -5.54 4.94 34.77
CA CYS C 89 -5.29 4.34 33.47
C CYS C 89 -6.55 4.41 32.62
N GLN C 90 -6.35 4.48 31.30
CA GLN C 90 -7.47 4.60 30.37
C GLN C 90 -7.15 3.85 29.10
N GLN C 91 -8.16 3.15 28.57
CA GLN C 91 -8.04 2.45 27.30
C GLN C 91 -8.72 3.26 26.19
N PHE C 92 -8.07 3.33 25.03
CA PHE C 92 -8.59 4.02 23.87
C PHE C 92 -8.77 3.08 22.68
N SER C 93 -8.89 1.77 22.94
CA SER C 93 -8.94 0.79 21.87
C SER C 93 -10.35 0.53 21.35
N GLY C 94 -11.37 0.80 22.15
CA GLY C 94 -12.73 0.56 21.72
C GLY C 94 -13.79 1.22 22.58
N TYR C 95 -14.86 1.69 21.95
CA TYR C 95 -15.92 2.39 22.65
C TYR C 95 -16.89 1.41 23.28
N PRO C 96 -17.55 1.81 24.38
CA PRO C 96 -17.39 3.06 25.15
C PRO C 96 -16.03 3.17 25.82
N LEU C 97 -15.45 4.36 25.85
CA LEU C 97 -14.18 4.55 26.54
C LEU C 97 -14.36 4.42 28.04
N THR C 98 -13.36 3.84 28.70
CA THR C 98 -13.42 3.57 30.13
C THR C 98 -12.12 3.99 30.81
N PHE C 99 -12.24 4.53 32.01
CA PHE C 99 -11.11 4.93 32.83
C PHE C 99 -10.99 3.97 34.02
N GLY C 100 -9.76 3.75 34.46
CA GLY C 100 -9.54 2.92 35.63
C GLY C 100 -10.09 3.54 36.90
N SER C 101 -10.13 2.72 37.95
CA SER C 101 -10.67 3.18 39.23
C SER C 101 -9.83 4.29 39.85
N GLY C 102 -8.58 4.44 39.44
CA GLY C 102 -7.74 5.52 39.95
C GLY C 102 -7.07 5.19 41.27
N THR C 103 -5.82 5.61 41.42
CA THR C 103 -5.05 5.40 42.63
C THR C 103 -4.45 6.71 43.09
N LYS C 104 -4.58 7.01 44.38
CA LYS C 104 -4.11 8.26 44.96
C LYS C 104 -2.85 8.04 45.77
N LEU C 105 -1.80 8.79 45.45
CA LEU C 105 -0.63 8.86 46.33
C LEU C 105 -0.95 9.77 47.50
N GLU C 106 -0.72 9.28 48.72
CA GLU C 106 -1.21 9.93 49.93
C GLU C 106 -0.14 10.65 50.73
N MET C 107 1.11 10.61 50.30
CA MET C 107 2.17 11.30 51.04
C MET C 107 3.38 11.58 50.14
#